data_2Q1N
#
_entry.id   2Q1N
#
_cell.length_a   108.057
_cell.length_b   71.813
_cell.length_c   54.787
_cell.angle_alpha   90.000
_cell.angle_beta   104.700
_cell.angle_gamma   90.000
#
_symmetry.space_group_name_H-M   'P 1 21 1'
#
loop_
_entity.id
_entity.type
_entity.pdbx_description
1 polymer 'Actin, alpha skeletal muscle'
2 non-polymer 'CALCIUM ION'
3 non-polymer 'PHOSPHOAMINOPHOSPHONIC ACID-ADENYLATE ESTER'
4 non-polymer 'LATRUNCULIN A'
5 water water
#
_entity_poly.entity_id   1
_entity_poly.type   'polypeptide(L)'
_entity_poly.pdbx_seq_one_letter_code
;DEDETTALVCDNGSGLVKAGFAGDDAPRAVFPSIVGRPRHQGVMVGMGQKDSYVGDEAQSKRGILTLKYPIEHGIITNWD
DMEKIWHHTFYNELRVAPEEHPTLLTEAPLNPKANREKMTQIMFETFNVPAMYVAIQAVLSLYASGRTTGIVLDSGDGVT
HNVPIYEGYALPHAIMRLDLAGRDLTDYLMKILTERGYSFVTTAEREIVRDIKEKLCYVALDFENEMATAASSSSLEKSY
ELPDGQVITIGNERFRCPETLFQPSFIGMESAGIHETTYNSIMKCDIDIRKDLYANNVMSGGTTMYPGIADRMQKEITAL
APSTMKIKIIAPPERKYSVWIGGSILASLSTFQQMWITKQEYDEAGPSIVHRKCF
;
_entity_poly.pdbx_strand_id   A,B
#
loop_
_chem_comp.id
_chem_comp.type
_chem_comp.name
_chem_comp.formula
ANP non-polymer 'PHOSPHOAMINOPHOSPHONIC ACID-ADENYLATE ESTER' 'C10 H17 N6 O12 P3'
CA non-polymer 'CALCIUM ION' 'Ca 2'
LAR non-polymer 'LATRUNCULIN A' 'C22 H31 N O5 S'
#
# COMPACT_ATOMS: atom_id res chain seq x y z
N GLU A 4 5.93 32.19 -3.14
CA GLU A 4 5.37 32.14 -1.75
C GLU A 4 4.02 31.40 -1.68
N THR A 5 3.99 30.14 -2.12
CA THR A 5 2.77 29.32 -2.03
C THR A 5 2.62 28.70 -0.62
N THR A 6 1.39 28.27 -0.29
CA THR A 6 1.08 27.75 1.04
C THR A 6 1.35 26.27 1.16
N ALA A 7 1.94 25.86 2.29
CA ALA A 7 2.23 24.44 2.56
C ALA A 7 1.06 23.75 3.25
N LEU A 8 0.86 22.47 2.92
CA LEU A 8 -0.19 21.65 3.51
C LEU A 8 0.39 20.71 4.57
N VAL A 9 -0.40 20.46 5.62
CA VAL A 9 -0.07 19.48 6.66
C VAL A 9 -1.24 18.53 6.84
N CYS A 10 -0.99 17.24 6.62
CA CYS A 10 -2.01 16.20 6.69
C CYS A 10 -1.55 15.09 7.63
N ASP A 11 -2.24 14.97 8.77
CA ASP A 11 -1.92 13.96 9.77
C ASP A 11 -2.93 12.83 9.68
N ASN A 12 -2.46 11.70 9.14
CA ASN A 12 -3.29 10.50 8.98
C ASN A 12 -3.15 9.59 10.19
N GLY A 13 -4.21 9.50 10.98
CA GLY A 13 -4.27 8.60 12.12
C GLY A 13 -5.24 7.47 11.88
N SER A 14 -5.19 6.47 12.76
CA SER A 14 -6.00 5.24 12.64
C SER A 14 -7.50 5.49 12.67
N GLY A 15 -7.89 6.55 13.39
CA GLY A 15 -9.31 6.90 13.57
C GLY A 15 -9.69 8.13 12.80
N LEU A 16 -8.95 9.20 13.04
CA LEU A 16 -9.17 10.48 12.37
C LEU A 16 -8.02 10.90 11.47
N VAL A 17 -8.39 11.62 10.42
CA VAL A 17 -7.44 12.32 9.57
C VAL A 17 -7.52 13.78 10.05
N LYS A 18 -6.38 14.40 10.31
CA LYS A 18 -6.32 15.80 10.70
C LYS A 18 -5.54 16.57 9.64
N ALA A 19 -6.18 17.53 8.99
CA ALA A 19 -5.58 18.24 7.84
C ALA A 19 -5.79 19.75 7.84
N GLY A 20 -4.88 20.46 7.17
CA GLY A 20 -4.94 21.91 7.10
C GLY A 20 -3.68 22.51 6.53
N PHE A 21 -3.62 23.84 6.55
CA PHE A 21 -2.51 24.60 5.98
C PHE A 21 -1.48 24.98 7.03
N ALA A 22 -0.20 24.76 6.74
CA ALA A 22 0.88 25.16 7.63
C ALA A 22 0.71 26.61 8.08
N GLY A 23 1.11 26.89 9.33
CA GLY A 23 1.01 28.23 9.89
C GLY A 23 -0.31 28.52 10.59
N ASP A 24 -1.32 27.68 10.37
CA ASP A 24 -2.60 27.82 11.06
C ASP A 24 -2.45 27.30 12.48
N ASP A 25 -3.30 27.78 13.37
CA ASP A 25 -3.30 27.33 14.76
C ASP A 25 -3.94 25.94 14.91
N ALA A 26 -4.93 25.67 14.08
CA ALA A 26 -5.68 24.43 14.12
C ALA A 26 -6.02 24.01 12.70
N PRO A 27 -6.22 22.70 12.48
CA PRO A 27 -6.55 22.16 11.17
C PRO A 27 -7.98 22.51 10.81
N ARG A 28 -8.24 22.76 9.54
CA ARG A 28 -9.59 23.08 9.07
C ARG A 28 -10.46 21.84 8.92
N ALA A 29 -9.83 20.70 8.59
CA ALA A 29 -10.51 19.44 8.36
C ALA A 29 -10.15 18.37 9.38
N VAL A 30 -11.17 17.73 9.95
CA VAL A 30 -10.99 16.61 10.85
C VAL A 30 -12.12 15.64 10.53
N PHE A 31 -11.79 14.47 9.99
CA PHE A 31 -12.82 13.54 9.54
C PHE A 31 -12.37 12.08 9.69
N PRO A 32 -13.32 11.14 9.60
CA PRO A 32 -12.95 9.74 9.84
C PRO A 32 -12.04 9.09 8.78
N SER A 33 -11.03 8.36 9.23
CA SER A 33 -10.15 7.60 8.33
C SER A 33 -10.87 6.31 7.96
N ILE A 34 -11.94 6.44 7.18
CA ILE A 34 -12.76 5.30 6.80
C ILE A 34 -13.13 5.32 5.32
N VAL A 35 -13.26 4.12 4.74
CA VAL A 35 -13.70 3.95 3.37
C VAL A 35 -14.88 3.00 3.43
N GLY A 36 -16.07 3.52 3.17
CA GLY A 36 -17.31 2.74 3.26
C GLY A 36 -17.49 1.78 2.10
N ARG A 37 -17.84 0.53 2.40
CA ARG A 37 -18.06 -0.48 1.37
C ARG A 37 -19.38 -1.22 1.61
N PRO A 38 -19.97 -1.80 0.55
CA PRO A 38 -21.28 -2.44 0.69
C PRO A 38 -21.23 -3.97 0.84
N ARG A 39 -22.38 -4.55 1.19
CA ARG A 39 -22.54 -6.01 1.33
C ARG A 39 -23.18 -6.68 0.07
N HIS A 40 -23.50 -5.87 -0.95
CA HIS A 40 -23.99 -6.33 -2.28
C HIS A 40 -24.77 -5.20 -3.00
N LEU A 65 -23.41 0.38 6.96
CA LEU A 65 -22.34 0.15 5.98
C LEU A 65 -21.48 -1.10 6.32
N THR A 66 -20.44 -1.31 5.52
CA THR A 66 -19.34 -2.20 5.88
C THR A 66 -18.11 -1.31 5.78
N LEU A 67 -17.76 -0.73 6.92
CA LEU A 67 -16.65 0.21 7.01
C LEU A 67 -15.32 -0.52 6.96
N LYS A 68 -14.30 0.18 6.50
CA LYS A 68 -12.92 -0.27 6.54
C LYS A 68 -12.10 0.86 7.11
N TYR A 69 -11.20 0.53 8.02
CA TYR A 69 -10.23 1.49 8.54
C TYR A 69 -8.94 1.17 7.81
N PRO A 70 -8.56 2.00 6.82
CA PRO A 70 -7.35 1.75 6.06
C PRO A 70 -6.06 1.71 6.91
N ILE A 71 -5.98 2.50 7.98
CA ILE A 71 -4.82 2.46 8.87
C ILE A 71 -5.06 1.64 10.14
N GLU A 72 -4.39 0.49 10.23
CA GLU A 72 -4.45 -0.36 11.42
C GLU A 72 -3.24 -0.06 12.28
N HIS A 73 -3.47 0.29 13.54
CA HIS A 73 -2.41 0.49 14.52
C HIS A 73 -1.38 1.56 14.11
N GLY A 74 -1.83 2.56 13.35
CA GLY A 74 -0.95 3.66 12.90
C GLY A 74 -0.18 3.42 11.62
N ILE A 75 -0.28 2.21 11.07
CA ILE A 75 0.36 1.81 9.83
C ILE A 75 -0.68 1.70 8.73
N ILE A 76 -0.38 2.25 7.55
CA ILE A 76 -1.27 2.16 6.39
C ILE A 76 -1.20 0.74 5.85
N THR A 77 -2.33 0.05 5.86
CA THR A 77 -2.43 -1.37 5.46
C THR A 77 -3.10 -1.61 4.10
N ASN A 78 -3.97 -0.69 3.66
CA ASN A 78 -4.60 -0.78 2.32
C ASN A 78 -4.44 0.53 1.58
N TRP A 79 -3.67 0.48 0.49
CA TRP A 79 -3.24 1.67 -0.23
C TRP A 79 -4.26 2.32 -1.16
N ASP A 80 -5.08 1.52 -1.82
CA ASP A 80 -6.11 2.06 -2.68
C ASP A 80 -7.14 2.81 -1.87
N ASP A 81 -7.51 2.25 -0.73
CA ASP A 81 -8.42 2.93 0.20
C ASP A 81 -7.76 4.21 0.70
N MET A 82 -6.45 4.15 0.97
CA MET A 82 -5.73 5.33 1.45
C MET A 82 -5.68 6.42 0.39
N GLU A 83 -5.56 6.03 -0.89
CA GLU A 83 -5.60 7.00 -1.98
C GLU A 83 -6.93 7.75 -1.91
N LYS A 84 -8.01 7.01 -1.66
CA LYS A 84 -9.35 7.61 -1.55
C LYS A 84 -9.43 8.69 -0.45
N ILE A 85 -8.79 8.46 0.68
CA ILE A 85 -8.84 9.44 1.78
C ILE A 85 -8.04 10.68 1.41
N TRP A 86 -6.87 10.50 0.81
CA TRP A 86 -6.09 11.63 0.34
C TRP A 86 -6.84 12.40 -0.76
N HIS A 87 -7.52 11.69 -1.63
CA HIS A 87 -8.33 12.33 -2.67
C HIS A 87 -9.42 13.19 -2.02
N HIS A 88 -10.03 12.66 -0.97
CA HIS A 88 -11.10 13.34 -0.23
C HIS A 88 -10.52 14.51 0.57
N THR A 89 -9.24 14.42 0.96
CA THR A 89 -8.56 15.49 1.71
C THR A 89 -8.35 16.72 0.85
N PHE A 90 -7.81 16.53 -0.34
CA PHE A 90 -7.52 17.63 -1.26
C PHE A 90 -8.78 18.25 -1.87
N TYR A 91 -9.60 17.40 -2.48
CA TYR A 91 -10.74 17.87 -3.27
C TYR A 91 -12.01 18.14 -2.49
N ASN A 92 -12.39 17.20 -1.62
CA ASN A 92 -13.61 17.37 -0.83
C ASN A 92 -13.40 18.27 0.39
N GLU A 93 -12.47 17.91 1.25
CA GLU A 93 -12.23 18.63 2.51
C GLU A 93 -11.51 19.97 2.33
N LEU A 94 -10.21 19.94 2.01
CA LEU A 94 -9.44 21.19 1.86
C LEU A 94 -9.78 22.04 0.63
N ARG A 95 -10.37 21.42 -0.39
CA ARG A 95 -10.75 22.13 -1.61
C ARG A 95 -9.58 22.88 -2.24
N VAL A 96 -8.49 22.16 -2.48
CA VAL A 96 -7.27 22.72 -3.06
C VAL A 96 -6.69 21.80 -4.15
N ALA A 97 -5.75 22.34 -4.92
CA ALA A 97 -5.04 21.60 -5.96
C ALA A 97 -3.75 20.99 -5.38
N PRO A 98 -3.65 19.67 -5.35
CA PRO A 98 -2.45 18.99 -4.82
C PRO A 98 -1.14 19.45 -5.41
N GLU A 99 -1.13 19.70 -6.72
CA GLU A 99 0.11 20.10 -7.41
C GLU A 99 0.49 21.57 -7.17
N GLU A 100 -0.34 22.31 -6.43
CA GLU A 100 -0.09 23.72 -6.14
C GLU A 100 0.41 23.98 -4.71
N HIS A 101 0.59 22.92 -3.92
CA HIS A 101 1.02 23.08 -2.52
C HIS A 101 1.98 21.98 -2.08
N PRO A 102 3.11 22.35 -1.44
CA PRO A 102 3.96 21.29 -0.89
C PRO A 102 3.23 20.64 0.28
N THR A 103 3.24 19.30 0.34
CA THR A 103 2.46 18.55 1.33
C THR A 103 3.31 17.84 2.37
N LEU A 104 3.00 18.07 3.66
CA LEU A 104 3.67 17.39 4.77
C LEU A 104 2.79 16.28 5.32
N LEU A 105 3.20 15.04 5.13
CA LEU A 105 2.47 13.87 5.66
C LEU A 105 3.07 13.45 7.00
N THR A 106 2.31 12.70 7.79
CA THR A 106 2.79 12.18 9.08
C THR A 106 2.75 10.67 9.11
N GLU A 107 3.65 10.08 9.89
CA GLU A 107 3.73 8.62 10.03
C GLU A 107 3.96 8.19 11.48
N ALA A 108 3.59 6.95 11.79
CA ALA A 108 3.78 6.40 13.12
C ALA A 108 5.26 6.05 13.34
N PRO A 109 5.70 6.01 14.60
CA PRO A 109 7.08 5.61 14.93
C PRO A 109 7.45 4.20 14.45
N LEU A 110 8.68 4.04 13.98
CA LEU A 110 9.15 2.76 13.45
C LEU A 110 8.29 2.23 12.30
N ASN A 111 7.83 3.13 11.44
CA ASN A 111 7.07 2.73 10.25
C ASN A 111 8.06 2.11 9.28
N PRO A 112 7.73 0.92 8.72
CA PRO A 112 8.69 0.24 7.83
C PRO A 112 9.11 1.08 6.61
N LYS A 113 10.39 0.99 6.25
CA LYS A 113 10.93 1.73 5.11
C LYS A 113 10.00 1.75 3.91
N ALA A 114 9.66 0.55 3.43
CA ALA A 114 8.81 0.35 2.25
C ALA A 114 7.47 1.11 2.33
N ASN A 115 6.93 1.23 3.54
CA ASN A 115 5.69 1.97 3.78
C ASN A 115 5.87 3.44 3.41
N ARG A 116 6.97 4.03 3.87
CA ARG A 116 7.27 5.44 3.64
C ARG A 116 7.55 5.74 2.16
N GLU A 117 8.25 4.82 1.49
CA GLU A 117 8.53 4.95 0.07
C GLU A 117 7.26 4.99 -0.78
N LYS A 118 6.28 4.18 -0.37
CA LYS A 118 5.00 4.06 -1.08
C LYS A 118 4.17 5.36 -0.95
N MET A 119 4.20 5.98 0.23
CA MET A 119 3.53 7.26 0.42
C MET A 119 4.11 8.29 -0.54
N THR A 120 5.44 8.33 -0.59
CA THR A 120 6.13 9.26 -1.46
C THR A 120 5.77 9.00 -2.92
N GLN A 121 5.81 7.74 -3.33
CA GLN A 121 5.46 7.36 -4.69
C GLN A 121 4.05 7.85 -5.06
N ILE A 122 3.10 7.67 -4.15
CA ILE A 122 1.71 8.06 -4.41
C ILE A 122 1.51 9.57 -4.51
N MET A 123 2.14 10.33 -3.61
CA MET A 123 2.01 11.79 -3.63
C MET A 123 2.60 12.40 -4.89
N PHE A 124 3.79 11.95 -5.29
CA PHE A 124 4.48 12.51 -6.45
C PHE A 124 3.91 12.08 -7.80
N GLU A 125 3.39 10.87 -7.88
CA GLU A 125 2.88 10.34 -9.14
C GLU A 125 1.37 10.44 -9.29
N THR A 126 0.64 10.08 -8.24
CA THR A 126 -0.81 10.08 -8.31
C THR A 126 -1.42 11.44 -7.96
N PHE A 127 -0.82 12.15 -7.02
CA PHE A 127 -1.29 13.50 -6.66
C PHE A 127 -0.40 14.63 -7.21
N ASN A 128 0.72 14.28 -7.84
CA ASN A 128 1.61 15.23 -8.52
C ASN A 128 2.05 16.43 -7.67
N VAL A 129 2.27 16.19 -6.38
CA VAL A 129 2.67 17.26 -5.47
C VAL A 129 4.04 17.83 -5.85
N PRO A 130 4.24 19.15 -5.67
CA PRO A 130 5.51 19.79 -6.03
C PRO A 130 6.65 19.45 -5.08
N ALA A 131 6.31 19.32 -3.79
CA ALA A 131 7.26 18.92 -2.75
C ALA A 131 6.53 18.18 -1.63
N MET A 132 7.26 17.36 -0.86
CA MET A 132 6.66 16.61 0.24
C MET A 132 7.71 16.13 1.26
N TYR A 133 7.21 15.72 2.43
CA TYR A 133 8.04 15.22 3.52
C TYR A 133 7.18 14.43 4.50
N VAL A 134 7.74 13.35 5.04
CA VAL A 134 7.05 12.50 6.00
C VAL A 134 7.69 12.63 7.39
N ALA A 135 6.89 13.06 8.38
CA ALA A 135 7.40 13.27 9.77
C ALA A 135 6.85 12.27 10.79
N ILE A 136 7.63 12.05 11.85
CA ILE A 136 7.23 11.15 12.93
C ILE A 136 6.28 11.90 13.87
N GLN A 137 5.13 11.31 14.13
CA GLN A 137 4.05 11.95 14.90
C GLN A 137 4.46 12.39 16.29
N ALA A 138 5.15 11.51 17.00
CA ALA A 138 5.53 11.78 18.39
C ALA A 138 6.49 12.94 18.45
N VAL A 139 7.34 13.07 17.44
CA VAL A 139 8.33 14.13 17.41
C VAL A 139 7.65 15.48 17.21
N LEU A 140 6.68 15.53 16.32
CA LEU A 140 5.93 16.76 16.07
C LEU A 140 5.23 17.21 17.33
N SER A 141 4.62 16.27 18.04
CA SER A 141 3.94 16.62 19.29
C SER A 141 4.87 17.35 20.24
N LEU A 142 6.07 16.79 20.41
CA LEU A 142 7.10 17.40 21.22
C LEU A 142 7.34 18.82 20.75
N TYR A 143 7.62 18.99 19.45
CA TYR A 143 7.86 20.33 18.89
C TYR A 143 6.71 21.28 19.28
N ALA A 144 5.47 20.81 19.18
CA ALA A 144 4.28 21.58 19.57
C ALA A 144 4.34 22.06 21.01
N SER A 145 4.97 21.28 21.89
CA SER A 145 5.17 21.70 23.29
C SER A 145 6.38 22.64 23.48
N GLY A 146 7.06 23.02 22.39
CA GLY A 146 8.24 23.87 22.46
C GLY A 146 9.47 23.16 22.99
N ARG A 147 9.62 21.89 22.65
CA ARG A 147 10.74 21.07 23.14
C ARG A 147 11.45 20.36 21.99
N THR A 148 12.77 20.26 22.10
CA THR A 148 13.57 19.50 21.13
C THR A 148 14.00 18.14 21.72
N THR A 149 13.68 17.91 22.99
CA THR A 149 14.09 16.70 23.69
C THR A 149 13.07 16.34 24.76
N GLY A 150 12.82 15.03 24.91
CA GLY A 150 11.87 14.52 25.89
C GLY A 150 11.34 13.14 25.52
N ILE A 151 10.41 12.65 26.34
CA ILE A 151 9.76 11.38 26.04
C ILE A 151 8.26 11.61 25.87
N VAL A 152 7.76 11.15 24.73
CA VAL A 152 6.37 11.38 24.34
C VAL A 152 5.48 10.16 24.51
N LEU A 153 4.32 10.37 25.10
CA LEU A 153 3.28 9.35 25.14
C LEU A 153 2.25 9.77 24.12
N ASP A 154 2.22 9.08 22.99
CA ASP A 154 1.26 9.35 21.92
C ASP A 154 0.31 8.18 21.89
N SER A 155 -0.92 8.42 22.33
CA SER A 155 -1.93 7.36 22.39
C SER A 155 -3.20 7.88 21.71
N GLY A 156 -3.57 7.24 20.60
CA GLY A 156 -4.70 7.69 19.78
C GLY A 156 -5.87 6.74 19.81
N ASP A 157 -6.39 6.40 18.63
CA ASP A 157 -7.50 5.46 18.53
C ASP A 157 -7.00 4.04 18.26
N GLY A 158 -5.85 3.91 17.62
CA GLY A 158 -5.34 2.61 17.20
C GLY A 158 -4.03 2.14 17.80
N VAL A 159 -3.22 3.04 18.36
CA VAL A 159 -1.92 2.63 18.88
C VAL A 159 -1.36 3.60 19.89
N THR A 160 -0.56 3.05 20.81
CA THR A 160 0.09 3.81 21.87
C THR A 160 1.61 3.64 21.74
N HIS A 161 2.32 4.76 21.72
CA HIS A 161 3.77 4.73 21.61
C HIS A 161 4.42 5.56 22.70
N ASN A 162 5.56 5.08 23.16
CA ASN A 162 6.44 5.85 24.01
C ASN A 162 7.66 6.12 23.15
N VAL A 163 7.87 7.39 22.81
CA VAL A 163 8.94 7.77 21.91
C VAL A 163 9.88 8.75 22.59
N PRO A 164 11.11 8.30 22.92
CA PRO A 164 12.15 9.19 23.46
C PRO A 164 12.84 9.98 22.37
N ILE A 165 13.22 11.22 22.65
CA ILE A 165 13.78 12.10 21.63
C ILE A 165 14.90 12.98 22.21
N TYR A 166 16.00 13.06 21.47
CA TYR A 166 17.17 13.85 21.85
C TYR A 166 17.54 14.76 20.71
N GLU A 167 17.65 16.06 20.99
CA GLU A 167 18.01 17.06 19.98
C GLU A 167 17.21 16.89 18.69
N GLY A 168 15.91 16.63 18.81
CA GLY A 168 15.03 16.44 17.65
C GLY A 168 14.94 15.02 17.11
N TYR A 169 16.00 14.22 17.28
CA TYR A 169 16.05 12.86 16.74
C TYR A 169 15.40 11.83 17.67
N ALA A 170 14.44 11.07 17.14
CA ALA A 170 13.78 10.01 17.90
C ALA A 170 14.72 8.80 18.00
N LEU A 171 15.04 8.37 19.22
CA LEU A 171 15.90 7.21 19.45
C LEU A 171 15.06 5.94 19.19
N PRO A 172 15.35 5.21 18.09
CA PRO A 172 14.45 4.15 17.65
C PRO A 172 14.50 2.86 18.48
N HIS A 173 15.66 2.54 19.05
CA HIS A 173 15.80 1.34 19.87
C HIS A 173 15.14 1.47 21.24
N ALA A 174 14.70 2.69 21.59
CA ALA A 174 14.06 2.96 22.86
C ALA A 174 12.56 3.24 22.75
N ILE A 175 12.00 3.14 21.55
CA ILE A 175 10.57 3.37 21.34
C ILE A 175 9.78 2.15 21.74
N MET A 176 8.72 2.35 22.51
CA MET A 176 7.87 1.25 22.95
C MET A 176 6.50 1.40 22.31
N ARG A 177 5.99 0.30 21.77
CA ARG A 177 4.70 0.29 21.10
C ARG A 177 3.73 -0.54 21.91
N LEU A 178 2.45 -0.23 21.79
CA LEU A 178 1.39 -0.89 22.55
C LEU A 178 0.10 -0.80 21.76
N ASP A 179 -0.34 -1.93 21.21
CA ASP A 179 -1.56 -2.00 20.38
C ASP A 179 -2.86 -1.95 21.21
N LEU A 180 -3.07 -0.84 21.91
CA LEU A 180 -4.23 -0.65 22.76
C LEU A 180 -4.41 0.86 22.93
N ALA A 181 -5.49 1.38 22.37
CA ALA A 181 -5.79 2.80 22.40
C ALA A 181 -7.30 3.04 22.55
N GLY A 182 -7.79 4.19 22.10
CA GLY A 182 -9.20 4.57 22.27
C GLY A 182 -10.25 3.58 21.81
N ARG A 183 -10.04 2.95 20.66
CA ARG A 183 -11.02 2.00 20.14
C ARG A 183 -11.13 0.79 21.04
N ASP A 184 -9.99 0.29 21.51
CA ASP A 184 -9.93 -0.81 22.46
C ASP A 184 -10.60 -0.40 23.77
N LEU A 185 -10.38 0.83 24.23
CA LEU A 185 -11.01 1.32 25.46
C LEU A 185 -12.52 1.46 25.28
N THR A 186 -12.95 1.81 24.07
CA THR A 186 -14.38 1.87 23.73
C THR A 186 -15.01 0.47 23.69
N ASP A 187 -14.31 -0.48 23.08
CA ASP A 187 -14.80 -1.86 23.03
C ASP A 187 -14.99 -2.42 24.44
N TYR A 188 -14.06 -2.10 25.34
CA TYR A 188 -14.10 -2.58 26.74
C TYR A 188 -15.32 -1.99 27.48
N LEU A 189 -15.47 -0.68 27.41
CA LEU A 189 -16.61 0.04 28.03
C LEU A 189 -17.96 -0.48 27.54
N MET A 190 -18.04 -0.87 26.27
CA MET A 190 -19.27 -1.51 25.75
C MET A 190 -19.49 -2.82 26.52
N LYS A 191 -18.41 -3.57 26.72
CA LYS A 191 -18.48 -4.85 27.40
C LYS A 191 -18.91 -4.66 28.84
N ILE A 192 -18.20 -3.80 29.56
CA ILE A 192 -18.48 -3.59 30.99
C ILE A 192 -19.76 -2.81 31.27
N LEU A 193 -20.41 -2.25 30.25
CA LEU A 193 -21.73 -1.64 30.45
C LEU A 193 -22.84 -2.71 30.35
N THR A 194 -22.53 -3.83 29.69
CA THR A 194 -23.45 -4.97 29.55
C THR A 194 -23.74 -5.66 30.88
N GLU A 195 -22.75 -5.64 31.76
CA GLU A 195 -22.90 -6.24 33.09
C GLU A 195 -23.73 -5.36 34.04
N ARG A 196 -24.08 -4.16 33.62
CA ARG A 196 -25.01 -3.30 34.35
C ARG A 196 -26.42 -3.46 33.76
N GLY A 197 -26.53 -4.13 32.61
CA GLY A 197 -27.83 -4.41 32.00
C GLY A 197 -28.09 -3.71 30.68
N TYR A 198 -27.19 -2.83 30.26
CA TYR A 198 -27.35 -2.13 28.98
C TYR A 198 -26.94 -3.03 27.83
N SER A 199 -27.28 -2.64 26.61
CA SER A 199 -27.02 -3.48 25.44
C SER A 199 -26.47 -2.74 24.23
N PHE A 200 -25.22 -2.31 24.36
CA PHE A 200 -24.49 -1.63 23.29
C PHE A 200 -23.69 -2.67 22.50
N VAL A 201 -24.10 -2.94 21.26
CA VAL A 201 -23.43 -3.94 20.42
C VAL A 201 -23.19 -3.47 18.97
N THR A 202 -24.10 -2.67 18.41
CA THR A 202 -23.96 -2.23 17.02
C THR A 202 -22.92 -1.11 16.86
N THR A 203 -22.51 -0.91 15.62
CA THR A 203 -21.54 0.12 15.25
C THR A 203 -22.02 1.54 15.57
N ALA A 204 -23.32 1.79 15.38
CA ALA A 204 -23.91 3.08 15.70
C ALA A 204 -23.90 3.27 17.21
N GLU A 205 -24.31 2.23 17.93
CA GLU A 205 -24.30 2.24 19.39
C GLU A 205 -22.87 2.37 19.95
N ARG A 206 -21.88 1.93 19.19
CA ARG A 206 -20.49 2.04 19.62
C ARG A 206 -20.07 3.51 19.65
N GLU A 207 -20.51 4.28 18.66
CA GLU A 207 -20.19 5.72 18.62
C GLU A 207 -20.86 6.41 19.79
N ILE A 208 -21.97 5.85 20.27
CA ILE A 208 -22.63 6.39 21.46
C ILE A 208 -21.72 6.14 22.66
N VAL A 209 -21.19 4.92 22.79
CA VAL A 209 -20.29 4.58 23.90
C VAL A 209 -19.00 5.39 23.85
N ARG A 210 -18.47 5.60 22.64
CA ARG A 210 -17.28 6.43 22.47
C ARG A 210 -17.52 7.84 23.03
N ASP A 211 -18.72 8.37 22.82
CA ASP A 211 -19.10 9.68 23.34
C ASP A 211 -19.09 9.64 24.87
N ILE A 212 -19.66 8.59 25.44
CA ILE A 212 -19.68 8.41 26.90
C ILE A 212 -18.24 8.44 27.42
N LYS A 213 -17.40 7.59 26.82
CA LYS A 213 -15.98 7.51 27.14
C LYS A 213 -15.30 8.88 27.11
N GLU A 214 -15.60 9.68 26.09
CA GLU A 214 -15.02 11.00 25.94
C GLU A 214 -15.62 12.05 26.88
N LYS A 215 -16.83 11.81 27.36
CA LYS A 215 -17.54 12.82 28.18
C LYS A 215 -17.47 12.61 29.68
N LEU A 216 -17.44 11.35 30.12
CA LEU A 216 -17.53 11.05 31.54
C LEU A 216 -16.34 10.29 32.11
N CYS A 217 -15.68 9.44 31.31
CA CYS A 217 -14.54 8.65 31.82
C CYS A 217 -13.41 9.54 32.39
N TYR A 218 -12.73 9.04 33.41
CA TYR A 218 -11.53 9.68 33.98
C TYR A 218 -10.58 8.61 34.48
N VAL A 219 -9.35 8.98 34.84
CA VAL A 219 -8.40 8.04 35.40
C VAL A 219 -8.27 8.20 36.92
N ALA A 220 -8.61 7.15 37.65
CA ALA A 220 -8.52 7.14 39.11
C ALA A 220 -7.09 7.32 39.61
N LEU A 221 -6.90 8.16 40.61
CA LEU A 221 -5.60 8.34 41.22
C LEU A 221 -5.20 7.05 41.95
N ASP A 222 -6.19 6.33 42.48
CA ASP A 222 -5.98 5.01 43.09
C ASP A 222 -7.20 4.12 42.90
N PHE A 223 -7.05 3.09 42.05
CA PHE A 223 -8.14 2.20 41.64
C PHE A 223 -8.93 1.59 42.79
N GLU A 224 -8.24 0.88 43.69
CA GLU A 224 -8.94 0.16 44.75
C GLU A 224 -9.82 1.16 45.53
N ASN A 225 -9.21 2.23 46.01
CA ASN A 225 -9.96 3.25 46.70
C ASN A 225 -11.20 3.58 45.90
N GLU A 226 -11.00 3.87 44.61
CA GLU A 226 -12.08 4.36 43.77
C GLU A 226 -13.19 3.32 43.61
N MET A 227 -12.81 2.04 43.44
CA MET A 227 -13.78 0.95 43.36
C MET A 227 -14.57 0.85 44.66
N ALA A 228 -13.91 1.11 45.78
CA ALA A 228 -14.55 1.14 47.10
C ALA A 228 -15.54 2.32 47.25
N THR A 229 -15.21 3.46 46.67
CA THR A 229 -16.09 4.64 46.77
C THR A 229 -17.35 4.42 45.95
N ALA A 230 -17.21 3.64 44.87
CA ALA A 230 -18.32 3.29 43.99
C ALA A 230 -19.16 2.20 44.62
N ALA A 231 -18.50 1.25 45.26
CA ALA A 231 -19.21 0.16 45.94
C ALA A 231 -20.07 0.69 47.09
N SER A 232 -19.52 1.60 47.88
CA SER A 232 -20.19 2.07 49.11
C SER A 232 -21.12 3.26 48.94
N SER A 233 -20.90 4.07 47.90
CA SER A 233 -21.76 5.23 47.69
C SER A 233 -22.10 5.46 46.22
N SER A 234 -22.89 6.50 45.96
CA SER A 234 -23.26 6.87 44.58
C SER A 234 -22.68 8.23 44.21
N SER A 235 -21.60 8.64 44.88
CA SER A 235 -21.02 9.96 44.66
C SER A 235 -20.37 10.07 43.29
N LEU A 236 -19.90 8.94 42.76
CA LEU A 236 -19.21 8.93 41.45
C LEU A 236 -20.12 8.60 40.25
N GLU A 237 -21.43 8.50 40.44
CA GLU A 237 -22.35 8.21 39.33
C GLU A 237 -22.66 9.46 38.51
N LYS A 238 -22.84 9.28 37.21
CA LYS A 238 -23.21 10.37 36.30
C LYS A 238 -24.33 9.92 35.38
N SER A 239 -25.15 10.87 34.96
CA SER A 239 -26.23 10.63 34.03
C SER A 239 -25.76 10.90 32.61
N TYR A 240 -26.29 10.13 31.65
CA TYR A 240 -25.96 10.31 30.24
C TYR A 240 -27.25 10.32 29.41
N GLU A 241 -27.48 11.40 28.69
CA GLU A 241 -28.67 11.52 27.85
C GLU A 241 -28.43 10.91 26.47
N LEU A 242 -29.04 9.76 26.22
CA LEU A 242 -28.93 9.05 24.94
C LEU A 242 -29.61 9.83 23.81
N PRO A 243 -29.33 9.46 22.54
CA PRO A 243 -29.99 10.11 21.40
C PRO A 243 -31.53 10.13 21.44
N ASP A 244 -32.12 9.01 21.82
CA ASP A 244 -33.58 8.89 21.85
C ASP A 244 -34.25 9.66 23.00
N GLY A 245 -33.46 10.21 23.92
CA GLY A 245 -34.00 11.02 25.02
C GLY A 245 -33.94 10.40 26.40
N GLN A 246 -33.80 9.08 26.47
CA GLN A 246 -33.71 8.41 27.78
C GLN A 246 -32.33 8.68 28.42
N VAL A 247 -32.32 8.66 29.75
CA VAL A 247 -31.11 8.90 30.53
C VAL A 247 -30.62 7.59 31.14
N ILE A 248 -29.29 7.43 31.23
CA ILE A 248 -28.71 6.23 31.85
C ILE A 248 -27.63 6.59 32.87
N THR A 249 -27.32 5.64 33.77
CA THR A 249 -26.34 5.87 34.83
C THR A 249 -25.12 4.99 34.66
N ILE A 250 -23.93 5.57 34.87
CA ILE A 250 -22.71 4.79 34.80
C ILE A 250 -21.86 5.13 36.03
N GLY A 251 -21.17 4.12 36.56
CA GLY A 251 -20.39 4.24 37.79
C GLY A 251 -18.94 3.87 37.58
N ASN A 252 -18.44 2.90 38.33
CA ASN A 252 -17.02 2.56 38.24
C ASN A 252 -16.49 2.40 36.80
N GLU A 253 -17.39 2.19 35.83
CA GLU A 253 -16.97 2.14 34.43
C GLU A 253 -16.22 3.44 34.04
N ARG A 254 -16.64 4.58 34.59
CA ARG A 254 -16.00 5.86 34.31
C ARG A 254 -14.47 5.80 34.39
N PHE A 255 -13.95 5.11 35.40
CA PHE A 255 -12.49 4.98 35.58
C PHE A 255 -11.93 3.60 35.30
N ARG A 256 -12.80 2.60 35.25
CA ARG A 256 -12.37 1.25 34.95
C ARG A 256 -11.97 1.11 33.49
N CYS A 257 -12.65 1.87 32.64
CA CYS A 257 -12.39 1.85 31.20
C CYS A 257 -10.94 2.31 30.90
N PRO A 258 -10.62 3.60 31.17
CA PRO A 258 -9.24 4.12 31.01
C PRO A 258 -8.16 3.47 31.89
N GLU A 259 -8.57 2.78 32.95
CA GLU A 259 -7.62 2.04 33.79
C GLU A 259 -6.85 0.99 32.99
N THR A 260 -7.50 0.45 31.97
CA THR A 260 -6.90 -0.55 31.10
C THR A 260 -5.54 -0.08 30.60
N LEU A 261 -5.39 1.23 30.42
CA LEU A 261 -4.11 1.81 29.98
C LEU A 261 -2.99 1.45 30.92
N PHE A 262 -3.29 1.49 32.22
CA PHE A 262 -2.32 1.20 33.25
C PHE A 262 -2.25 -0.28 33.56
N GLN A 263 -3.33 -1.01 33.31
CA GLN A 263 -3.36 -2.45 33.49
C GLN A 263 -4.03 -3.12 32.28
N PRO A 264 -3.25 -3.39 31.21
CA PRO A 264 -3.82 -4.00 30.01
C PRO A 264 -4.33 -5.42 30.15
N SER A 265 -4.00 -6.13 31.22
CA SER A 265 -4.55 -7.48 31.40
C SER A 265 -6.06 -7.49 31.69
N PHE A 266 -6.67 -6.32 31.84
CA PHE A 266 -8.13 -6.25 31.95
C PHE A 266 -8.79 -6.78 30.66
N ILE A 267 -8.17 -6.50 29.50
CA ILE A 267 -8.69 -7.01 28.22
C ILE A 267 -7.83 -8.16 27.67
N GLY A 268 -7.21 -8.93 28.55
CA GLY A 268 -6.45 -10.12 28.16
C GLY A 268 -5.15 -9.88 27.43
N MET A 269 -4.46 -8.80 27.76
CA MET A 269 -3.16 -8.52 27.16
C MET A 269 -2.12 -8.53 28.26
N GLU A 270 -1.02 -9.25 28.02
CA GLU A 270 0.05 -9.37 29.01
C GLU A 270 1.04 -8.18 28.97
N SER A 271 0.88 -7.30 27.98
CA SER A 271 1.73 -6.14 27.84
C SER A 271 1.75 -5.30 29.13
N ALA A 272 2.93 -4.79 29.49
CA ALA A 272 3.05 -3.90 30.65
C ALA A 272 2.29 -2.60 30.40
N GLY A 273 1.83 -1.96 31.48
CA GLY A 273 1.04 -0.72 31.39
C GLY A 273 1.81 0.47 30.87
N ILE A 274 1.10 1.56 30.55
CA ILE A 274 1.71 2.74 29.94
C ILE A 274 2.82 3.36 30.79
N HIS A 275 2.60 3.37 32.11
CA HIS A 275 3.58 3.88 33.05
C HIS A 275 4.85 3.02 33.06
N GLU A 276 4.70 1.71 32.91
CA GLU A 276 5.85 0.79 32.94
C GLU A 276 6.65 0.90 31.66
N THR A 277 5.96 0.99 30.52
CA THR A 277 6.62 1.15 29.24
C THR A 277 7.31 2.50 29.17
N THR A 278 6.76 3.52 29.84
CA THR A 278 7.41 4.83 29.94
C THR A 278 8.73 4.68 30.68
N TYR A 279 8.71 3.91 31.77
CA TYR A 279 9.93 3.66 32.53
C TYR A 279 10.90 2.90 31.66
N ASN A 280 10.43 1.84 30.99
CA ASN A 280 11.28 1.02 30.14
C ASN A 280 11.89 1.82 28.98
N SER A 281 11.08 2.68 28.37
CA SER A 281 11.57 3.52 27.28
C SER A 281 12.76 4.37 27.73
N ILE A 282 12.66 4.93 28.94
CA ILE A 282 13.71 5.73 29.53
C ILE A 282 14.99 4.93 29.88
N MET A 283 14.84 3.72 30.41
CA MET A 283 16.00 2.91 30.82
C MET A 283 16.79 2.36 29.63
N LYS A 284 16.13 2.20 28.48
CA LYS A 284 16.80 1.77 27.25
C LYS A 284 17.69 2.89 26.67
N CYS A 285 17.40 4.14 27.04
CA CYS A 285 18.18 5.29 26.56
C CYS A 285 19.49 5.44 27.31
N ASP A 286 20.40 6.21 26.71
CA ASP A 286 21.69 6.56 27.32
C ASP A 286 21.44 7.18 28.69
N ILE A 287 22.32 6.90 29.65
CA ILE A 287 22.11 7.40 31.02
C ILE A 287 22.10 8.93 31.11
N ASP A 288 23.01 9.59 30.38
CA ASP A 288 23.11 11.06 30.40
C ASP A 288 21.77 11.78 30.16
N ILE A 289 20.91 11.22 29.30
CA ILE A 289 19.67 11.90 28.90
C ILE A 289 18.41 11.57 29.74
N ARG A 290 18.48 10.55 30.58
CA ARG A 290 17.31 10.11 31.35
C ARG A 290 16.76 11.22 32.25
N LYS A 291 17.63 11.90 32.97
CA LYS A 291 17.21 13.03 33.83
C LYS A 291 16.32 13.99 33.04
N ASP A 292 16.70 14.27 31.79
CA ASP A 292 15.96 15.21 30.97
C ASP A 292 14.65 14.56 30.52
N LEU A 293 14.72 13.30 30.08
CA LEU A 293 13.54 12.56 29.67
C LEU A 293 12.47 12.57 30.76
N TYR A 294 12.81 12.09 31.96
CA TYR A 294 11.89 12.15 33.12
C TYR A 294 11.29 13.54 33.31
N ALA A 295 12.12 14.57 33.16
CA ALA A 295 11.68 15.95 33.34
C ALA A 295 10.76 16.46 32.22
N ASN A 296 10.61 15.65 31.17
CA ASN A 296 9.90 16.05 29.97
C ASN A 296 9.03 14.94 29.41
N ASN A 297 7.96 14.63 30.14
CA ASN A 297 6.99 13.63 29.70
C ASN A 297 5.81 14.33 29.08
N VAL A 298 5.85 14.48 27.77
CA VAL A 298 4.76 15.13 27.04
C VAL A 298 3.73 14.10 26.63
N MET A 299 2.47 14.50 26.69
CA MET A 299 1.36 13.62 26.31
C MET A 299 0.68 14.12 25.07
N SER A 300 0.49 13.20 24.13
CA SER A 300 -0.11 13.49 22.83
C SER A 300 -1.20 12.46 22.56
N GLY A 301 -2.20 12.87 21.80
CA GLY A 301 -3.28 11.99 21.36
C GLY A 301 -4.54 12.03 22.20
N GLY A 302 -5.68 11.77 21.54
CA GLY A 302 -6.98 11.79 22.23
C GLY A 302 -7.15 10.90 23.45
N THR A 303 -6.44 9.76 23.49
CA THR A 303 -6.57 8.85 24.64
C THR A 303 -5.75 9.33 25.86
N THR A 304 -5.07 10.48 25.74
CA THR A 304 -4.40 11.07 26.88
C THR A 304 -5.23 12.23 27.48
N MET A 305 -6.45 12.42 26.96
CA MET A 305 -7.37 13.48 27.40
C MET A 305 -8.22 13.14 28.61
N TYR A 306 -8.13 11.91 29.11
CA TYR A 306 -8.89 11.56 30.30
C TYR A 306 -8.50 12.50 31.46
N PRO A 307 -9.50 13.17 32.08
CA PRO A 307 -9.15 13.90 33.28
C PRO A 307 -8.41 13.01 34.29
N GLY A 308 -7.42 13.59 34.97
CA GLY A 308 -6.64 12.88 35.98
C GLY A 308 -5.56 11.92 35.48
N ILE A 309 -5.30 11.89 34.18
CA ILE A 309 -4.26 11.01 33.65
C ILE A 309 -2.86 11.57 33.95
N ALA A 310 -2.77 12.90 34.10
CA ALA A 310 -1.50 13.57 34.41
C ALA A 310 -1.04 13.32 35.84
N ASP A 311 -1.98 13.28 36.78
CA ASP A 311 -1.66 13.03 38.18
C ASP A 311 -1.30 11.57 38.39
N ARG A 312 -2.00 10.68 37.70
CA ARG A 312 -1.74 9.24 37.81
C ARG A 312 -0.37 8.85 37.26
N MET A 313 0.01 9.44 36.12
CA MET A 313 1.32 9.14 35.53
C MET A 313 2.46 9.65 36.43
N GLN A 314 2.28 10.81 37.05
CA GLN A 314 3.26 11.33 37.99
C GLN A 314 3.46 10.32 39.11
N LYS A 315 2.35 9.90 39.71
CA LYS A 315 2.37 8.97 40.82
C LYS A 315 3.11 7.70 40.45
N GLU A 316 2.64 7.03 39.40
CA GLU A 316 3.19 5.75 39.01
C GLU A 316 4.64 5.85 38.60
N ILE A 317 5.00 6.91 37.87
CA ILE A 317 6.39 7.09 37.42
C ILE A 317 7.32 7.30 38.61
N THR A 318 6.83 7.97 39.65
CA THR A 318 7.64 8.22 40.85
C THR A 318 7.98 6.91 41.55
N ALA A 319 6.99 6.02 41.66
CA ALA A 319 7.18 4.74 42.34
C ALA A 319 8.27 3.87 41.70
N LEU A 320 8.34 3.86 40.37
CA LEU A 320 9.26 3.00 39.64
C LEU A 320 10.66 3.60 39.52
N ALA A 321 10.74 4.93 39.63
CA ALA A 321 12.00 5.66 39.50
C ALA A 321 12.74 5.77 40.83
N PRO A 322 14.02 6.18 40.78
CA PRO A 322 14.74 6.48 42.03
C PRO A 322 14.08 7.62 42.81
N SER A 323 14.32 7.68 44.12
CA SER A 323 13.65 8.62 45.02
C SER A 323 13.92 10.09 44.74
N THR A 324 15.13 10.40 44.28
CA THR A 324 15.58 11.79 44.11
C THR A 324 15.30 12.38 42.72
N MET A 325 14.61 11.62 41.87
CA MET A 325 14.34 12.05 40.51
C MET A 325 13.19 13.06 40.44
N LYS A 326 13.43 14.18 39.76
CA LYS A 326 12.37 15.17 39.51
C LYS A 326 11.60 14.69 38.30
N ILE A 327 10.32 14.36 38.51
CA ILE A 327 9.44 13.86 37.45
C ILE A 327 8.45 14.97 37.07
N LYS A 328 8.25 15.16 35.77
CA LYS A 328 7.24 16.12 35.29
C LYS A 328 6.47 15.56 34.09
N ILE A 329 5.16 15.70 34.12
CA ILE A 329 4.28 15.23 33.06
C ILE A 329 3.62 16.45 32.44
N ILE A 330 3.93 16.72 31.18
CA ILE A 330 3.36 17.85 30.47
C ILE A 330 2.14 17.37 29.68
N ALA A 331 1.01 18.05 29.87
CA ALA A 331 -0.25 17.66 29.21
C ALA A 331 -0.93 18.88 28.60
N PRO A 332 -0.56 19.25 27.35
CA PRO A 332 -1.12 20.40 26.65
C PRO A 332 -2.63 20.28 26.45
N PRO A 333 -3.38 21.37 26.68
CA PRO A 333 -4.84 21.26 26.56
C PRO A 333 -5.31 20.90 25.15
N GLU A 334 -4.53 21.29 24.15
CA GLU A 334 -4.88 21.04 22.74
C GLU A 334 -4.21 19.74 22.21
N ARG A 335 -3.94 18.79 23.10
CA ARG A 335 -3.11 17.63 22.76
C ARG A 335 -3.79 16.56 21.89
N LYS A 336 -5.05 16.75 21.51
CA LYS A 336 -5.68 15.87 20.52
C LYS A 336 -5.16 16.19 19.13
N TYR A 337 -4.62 17.41 18.98
CA TYR A 337 -4.10 17.90 17.71
C TYR A 337 -2.64 18.36 17.79
N SER A 338 -1.91 17.92 18.81
CA SER A 338 -0.49 18.23 18.95
C SER A 338 0.35 17.85 17.72
N VAL A 339 0.08 16.70 17.12
CA VAL A 339 0.82 16.27 15.96
C VAL A 339 0.59 17.30 14.86
N TRP A 340 -0.66 17.47 14.44
CA TRP A 340 -0.95 18.40 13.36
C TRP A 340 -0.23 19.71 13.62
N ILE A 341 -0.43 20.28 14.81
CA ILE A 341 0.21 21.54 15.20
C ILE A 341 1.73 21.49 15.03
N GLY A 342 2.33 20.38 15.45
CA GLY A 342 3.78 20.19 15.32
C GLY A 342 4.20 20.40 13.90
N GLY A 343 3.43 19.83 12.97
CA GLY A 343 3.69 19.92 11.53
C GLY A 343 3.44 21.29 10.93
N SER A 344 2.45 22.00 11.46
CA SER A 344 2.18 23.39 11.07
C SER A 344 3.36 24.27 11.41
N ILE A 345 3.89 24.06 12.61
CA ILE A 345 5.06 24.79 13.10
C ILE A 345 6.32 24.45 12.30
N LEU A 346 6.53 23.15 12.05
CA LEU A 346 7.69 22.67 11.31
C LEU A 346 7.69 23.12 9.85
N ALA A 347 6.56 22.92 9.19
CA ALA A 347 6.39 23.32 7.79
C ALA A 347 6.73 24.79 7.60
N SER A 348 6.43 25.60 8.62
CA SER A 348 6.69 27.04 8.58
C SER A 348 8.11 27.45 8.96
N LEU A 349 8.84 26.60 9.69
CA LEU A 349 10.20 26.93 10.10
C LEU A 349 11.11 27.24 8.91
N SER A 350 12.13 28.06 9.16
CA SER A 350 13.10 28.43 8.15
C SER A 350 14.10 27.28 7.92
N THR A 351 14.53 26.66 9.01
CA THR A 351 15.48 25.55 8.95
C THR A 351 14.92 24.28 8.32
N PHE A 352 13.60 24.17 8.18
CA PHE A 352 13.01 22.97 7.58
C PHE A 352 12.87 23.03 6.05
N GLN A 353 12.86 24.24 5.50
CA GLN A 353 12.64 24.40 4.06
C GLN A 353 13.66 23.62 3.23
N GLN A 354 14.90 23.54 3.70
CA GLN A 354 15.95 22.78 3.00
C GLN A 354 15.70 21.28 2.97
N MET A 355 14.92 20.78 3.92
CA MET A 355 14.69 19.33 4.04
C MET A 355 13.54 18.79 3.18
N TRP A 356 12.83 19.65 2.45
CA TRP A 356 11.75 19.19 1.58
C TRP A 356 12.25 18.23 0.50
N ILE A 357 11.32 17.58 -0.17
CA ILE A 357 11.63 16.72 -1.32
C ILE A 357 10.88 17.30 -2.50
N THR A 358 11.60 17.93 -3.41
CA THR A 358 11.01 18.50 -4.61
C THR A 358 10.69 17.38 -5.58
N LYS A 359 9.71 17.60 -6.46
CA LYS A 359 9.35 16.61 -7.47
C LYS A 359 10.55 16.34 -8.37
N GLN A 360 11.39 17.36 -8.55
CA GLN A 360 12.62 17.25 -9.33
C GLN A 360 13.52 16.23 -8.66
N GLU A 361 13.81 16.42 -7.37
CA GLU A 361 14.65 15.49 -6.61
C GLU A 361 14.16 14.06 -6.68
N TYR A 362 12.85 13.88 -6.55
CA TYR A 362 12.26 12.55 -6.58
C TYR A 362 12.41 11.91 -7.96
N ASP A 363 11.86 12.54 -8.99
CA ASP A 363 12.00 12.06 -10.38
C ASP A 363 13.49 11.82 -10.72
N GLU A 364 14.35 12.71 -10.24
CA GLU A 364 15.80 12.57 -10.40
C GLU A 364 16.34 11.41 -9.56
N ALA A 365 16.42 11.58 -8.25
CA ALA A 365 17.04 10.61 -7.35
C ALA A 365 16.27 9.31 -7.14
N GLY A 366 14.97 9.39 -6.85
CA GLY A 366 14.13 8.20 -6.62
C GLY A 366 13.73 7.98 -5.16
N PRO A 367 12.90 6.95 -4.90
CA PRO A 367 12.39 6.61 -3.54
C PRO A 367 13.45 6.53 -2.43
N SER A 368 14.67 6.09 -2.77
CA SER A 368 15.76 5.99 -1.79
C SER A 368 16.34 7.36 -1.35
N ILE A 369 15.67 8.46 -1.69
CA ILE A 369 16.09 9.80 -1.25
C ILE A 369 15.34 10.27 -0.01
N VAL A 370 14.20 9.63 0.28
CA VAL A 370 13.36 10.02 1.43
C VAL A 370 13.92 9.51 2.78
N HIS A 371 15.16 9.00 2.77
CA HIS A 371 15.83 8.53 4.00
C HIS A 371 16.89 9.52 4.50
N ARG A 372 17.16 10.56 3.71
CA ARG A 372 18.18 11.57 4.08
C ARG A 372 17.72 12.97 3.69
N GLU B 4 3.47 -2.31 -50.30
CA GLU B 4 3.67 -3.50 -49.42
C GLU B 4 4.86 -3.33 -48.44
N THR B 5 4.81 -2.28 -47.61
CA THR B 5 5.84 -2.10 -46.57
C THR B 5 5.51 -2.93 -45.32
N THR B 6 6.52 -3.19 -44.48
CA THR B 6 6.36 -4.08 -43.32
C THR B 6 5.85 -3.36 -42.08
N ALA B 7 4.94 -4.00 -41.35
CA ALA B 7 4.38 -3.44 -40.13
C ALA B 7 5.23 -3.80 -38.90
N LEU B 8 5.31 -2.89 -37.94
CA LEU B 8 6.04 -3.12 -36.68
C LEU B 8 5.07 -3.40 -35.54
N VAL B 9 5.51 -4.24 -34.60
CA VAL B 9 4.75 -4.54 -33.38
C VAL B 9 5.68 -4.35 -32.18
N CYS B 10 5.32 -3.41 -31.30
CA CYS B 10 6.12 -3.07 -30.13
C CYS B 10 5.30 -3.20 -28.85
N ASP B 11 5.61 -4.21 -28.04
CA ASP B 11 4.89 -4.46 -26.80
C ASP B 11 5.71 -3.91 -25.63
N ASN B 12 5.23 -2.80 -25.06
CA ASN B 12 5.89 -2.13 -23.95
C ASN B 12 5.33 -2.63 -22.62
N GLY B 13 6.13 -3.42 -21.90
CA GLY B 13 5.75 -3.92 -20.58
C GLY B 13 6.53 -3.24 -19.48
N SER B 14 6.11 -3.44 -18.24
CA SER B 14 6.74 -2.80 -17.08
C SER B 14 8.19 -3.19 -16.89
N GLY B 15 8.55 -4.41 -17.29
CA GLY B 15 9.91 -4.93 -17.12
C GLY B 15 10.63 -4.99 -18.44
N LEU B 16 10.01 -5.66 -19.40
CA LEU B 16 10.58 -5.83 -20.72
C LEU B 16 9.80 -5.14 -21.82
N VAL B 17 10.53 -4.73 -22.85
CA VAL B 17 9.94 -4.23 -24.08
C VAL B 17 10.14 -5.39 -25.04
N LYS B 18 9.08 -5.79 -25.72
CA LYS B 18 9.14 -6.86 -26.71
C LYS B 18 8.85 -6.20 -28.05
N ALA B 19 9.74 -6.35 -29.01
CA ALA B 19 9.57 -5.69 -30.32
C ALA B 19 9.95 -6.55 -31.53
N GLY B 20 9.36 -6.22 -32.68
CA GLY B 20 9.63 -6.94 -33.92
C GLY B 20 8.68 -6.59 -35.05
N PHE B 21 8.80 -7.31 -36.15
CA PHE B 21 8.01 -7.05 -37.35
C PHE B 21 6.83 -7.99 -37.45
N ALA B 22 5.65 -7.44 -37.74
CA ALA B 22 4.43 -8.20 -37.93
C ALA B 22 4.66 -9.39 -38.88
N GLY B 23 4.01 -10.51 -38.59
CA GLY B 23 4.15 -11.72 -39.41
C GLY B 23 5.25 -12.66 -38.96
N ASP B 24 6.14 -12.19 -38.10
CA ASP B 24 7.20 -13.03 -37.55
C ASP B 24 6.61 -13.92 -36.46
N ASP B 25 7.30 -15.04 -36.19
CA ASP B 25 6.90 -15.96 -35.13
C ASP B 25 7.22 -15.42 -33.74
N ALA B 26 8.36 -14.74 -33.64
CA ALA B 26 8.84 -14.20 -32.38
C ALA B 26 9.45 -12.85 -32.65
N PRO B 27 9.52 -11.99 -31.60
CA PRO B 27 10.15 -10.68 -31.69
C PRO B 27 11.66 -10.81 -31.80
N ARG B 28 12.28 -9.92 -32.57
CA ARG B 28 13.75 -9.93 -32.70
C ARG B 28 14.43 -9.25 -31.52
N ALA B 29 13.74 -8.28 -30.92
CA ALA B 29 14.27 -7.53 -29.79
C ALA B 29 13.48 -7.78 -28.51
N VAL B 30 14.20 -8.05 -27.43
CA VAL B 30 13.64 -8.16 -26.09
C VAL B 30 14.67 -7.52 -25.17
N PHE B 31 14.29 -6.41 -24.53
CA PHE B 31 15.25 -5.64 -23.72
C PHE B 31 14.57 -4.96 -22.54
N PRO B 32 15.37 -4.54 -21.53
CA PRO B 32 14.77 -3.92 -20.34
C PRO B 32 14.08 -2.57 -20.56
N SER B 33 12.89 -2.40 -19.99
CA SER B 33 12.18 -1.12 -20.01
C SER B 33 12.78 -0.22 -18.94
N ILE B 34 14.02 0.21 -19.15
CA ILE B 34 14.76 1.01 -18.18
C ILE B 34 15.50 2.17 -18.80
N VAL B 35 15.58 3.26 -18.04
CA VAL B 35 16.31 4.44 -18.43
C VAL B 35 17.31 4.72 -17.31
N GLY B 36 18.58 4.48 -17.57
CA GLY B 36 19.62 4.63 -16.55
C GLY B 36 19.98 6.06 -16.28
N ARG B 37 20.03 6.45 -15.00
CA ARG B 37 20.37 7.81 -14.60
C ARG B 37 21.47 7.80 -13.52
N PRO B 38 22.19 8.93 -13.36
CA PRO B 38 23.33 8.98 -12.44
C PRO B 38 23.03 9.65 -11.08
N ARG B 39 23.97 9.49 -10.13
CA ARG B 39 23.90 10.12 -8.81
C ARG B 39 24.71 11.44 -8.71
N HIS B 40 25.37 11.82 -9.80
CA HIS B 40 26.13 13.09 -9.98
C HIS B 40 27.24 12.89 -11.04
N LEU B 65 24.16 1.90 -11.20
CA LEU B 65 23.33 2.96 -11.75
C LEU B 65 22.26 3.49 -10.77
N THR B 66 21.45 4.42 -11.26
CA THR B 66 20.20 4.83 -10.63
C THR B 66 19.16 4.61 -11.73
N LEU B 67 18.61 3.41 -11.77
CA LEU B 67 17.68 2.99 -12.80
C LEU B 67 16.30 3.57 -12.56
N LYS B 68 15.57 3.75 -13.65
CA LYS B 68 14.19 4.20 -13.60
C LYS B 68 13.39 3.28 -14.52
N TYR B 69 12.25 2.79 -14.03
CA TYR B 69 11.33 1.99 -14.83
C TYR B 69 10.24 2.96 -15.26
N PRO B 70 10.24 3.37 -16.54
CA PRO B 70 9.25 4.33 -16.99
C PRO B 70 7.80 3.84 -16.87
N ILE B 71 7.58 2.54 -17.04
CA ILE B 71 6.24 1.95 -16.91
C ILE B 71 6.04 1.29 -15.55
N GLU B 72 5.19 1.91 -14.73
CA GLU B 72 4.84 1.37 -13.43
C GLU B 72 3.47 0.73 -13.52
N HIS B 73 3.40 -0.54 -13.14
CA HIS B 73 2.16 -1.29 -13.11
C HIS B 73 1.42 -1.32 -14.44
N GLY B 74 2.17 -1.32 -15.54
CA GLY B 74 1.61 -1.42 -16.89
C GLY B 74 1.18 -0.13 -17.54
N ILE B 75 1.23 0.98 -16.78
CA ILE B 75 0.88 2.31 -17.26
C ILE B 75 2.16 3.15 -17.39
N ILE B 76 2.29 3.87 -18.51
CA ILE B 76 3.45 4.76 -18.72
C ILE B 76 3.32 5.97 -17.81
N THR B 77 4.30 6.16 -16.93
CA THR B 77 4.29 7.25 -15.96
C THR B 77 5.23 8.41 -16.31
N ASN B 78 6.31 8.13 -17.04
CA ASN B 78 7.25 9.18 -17.48
C ASN B 78 7.46 9.12 -18.98
N TRP B 79 7.05 10.18 -19.66
CA TRP B 79 7.00 10.20 -21.12
C TRP B 79 8.33 10.48 -21.83
N ASP B 80 9.17 11.35 -21.24
CA ASP B 80 10.48 11.64 -21.83
C ASP B 80 11.33 10.39 -21.80
N ASP B 81 11.31 9.68 -20.68
CA ASP B 81 12.00 8.41 -20.56
C ASP B 81 11.41 7.42 -21.56
N MET B 82 10.09 7.43 -21.71
CA MET B 82 9.43 6.54 -22.66
C MET B 82 9.85 6.82 -24.09
N GLU B 83 10.02 8.10 -24.43
CA GLU B 83 10.51 8.49 -25.76
C GLU B 83 11.87 7.86 -26.01
N LYS B 84 12.71 7.82 -24.98
CA LYS B 84 14.04 7.22 -25.08
C LYS B 84 13.98 5.76 -25.43
N ILE B 85 13.04 5.03 -24.83
CA ILE B 85 12.90 3.60 -25.08
C ILE B 85 12.43 3.32 -26.50
N TRP B 86 11.45 4.09 -26.97
CA TRP B 86 11.00 3.96 -28.35
C TRP B 86 12.12 4.38 -29.31
N HIS B 87 12.90 5.40 -28.94
CA HIS B 87 14.04 5.82 -29.76
C HIS B 87 15.06 4.68 -29.89
N HIS B 88 15.26 3.96 -28.79
CA HIS B 88 16.18 2.83 -28.74
C HIS B 88 15.58 1.62 -29.48
N THR B 89 14.26 1.57 -29.55
CA THR B 89 13.53 0.49 -30.22
C THR B 89 13.72 0.53 -31.73
N PHE B 90 13.54 1.70 -32.31
CA PHE B 90 13.68 1.89 -33.74
C PHE B 90 15.13 1.87 -34.19
N TYR B 91 15.95 2.75 -33.61
CA TYR B 91 17.30 2.98 -34.10
C TYR B 91 18.35 2.00 -33.61
N ASN B 92 18.35 1.71 -32.31
CA ASN B 92 19.32 0.79 -31.74
C ASN B 92 18.94 -0.69 -31.93
N GLU B 93 17.76 -1.07 -31.45
CA GLU B 93 17.33 -2.48 -31.52
C GLU B 93 16.88 -2.93 -32.90
N LEU B 94 15.73 -2.45 -33.38
CA LEU B 94 15.20 -2.87 -34.68
C LEU B 94 15.97 -2.34 -35.90
N ARG B 95 16.71 -1.25 -35.72
CA ARG B 95 17.49 -0.65 -36.81
C ARG B 95 16.65 -0.34 -38.05
N VAL B 96 15.56 0.41 -37.84
CA VAL B 96 14.63 0.78 -38.91
C VAL B 96 14.22 2.25 -38.82
N ALA B 97 13.66 2.75 -39.91
CA ALA B 97 13.15 4.12 -39.98
C ALA B 97 11.70 4.12 -39.54
N PRO B 98 11.38 4.81 -38.44
CA PRO B 98 10.02 4.91 -37.93
C PRO B 98 8.99 5.37 -38.97
N GLU B 99 9.35 6.32 -39.81
CA GLU B 99 8.41 6.86 -40.79
C GLU B 99 8.18 5.94 -41.99
N GLU B 100 8.88 4.81 -42.04
CA GLU B 100 8.77 3.87 -43.15
C GLU B 100 7.94 2.62 -42.83
N HIS B 101 7.42 2.53 -41.61
CA HIS B 101 6.65 1.36 -41.17
C HIS B 101 5.47 1.74 -40.28
N PRO B 102 4.27 1.18 -40.55
CA PRO B 102 3.17 1.40 -39.60
C PRO B 102 3.48 0.65 -38.30
N THR B 103 3.25 1.30 -37.16
CA THR B 103 3.65 0.73 -35.88
C THR B 103 2.45 0.39 -34.98
N LEU B 104 2.41 -0.84 -34.47
CA LEU B 104 1.36 -1.28 -33.54
C LEU B 104 1.92 -1.30 -32.12
N LEU B 105 1.39 -0.42 -31.28
CA LEU B 105 1.77 -0.36 -29.89
C LEU B 105 0.79 -1.17 -29.05
N THR B 106 1.19 -1.52 -27.83
CA THR B 106 0.34 -2.28 -26.92
C THR B 106 0.13 -1.49 -25.63
N GLU B 107 -1.00 -1.71 -24.96
CA GLU B 107 -1.32 -1.04 -23.70
C GLU B 107 -1.98 -1.97 -22.69
N ALA B 108 -1.93 -1.58 -21.42
CA ALA B 108 -2.57 -2.34 -20.35
C ALA B 108 -4.08 -2.13 -20.37
N PRO B 109 -4.86 -3.09 -19.83
CA PRO B 109 -6.31 -2.93 -19.72
C PRO B 109 -6.71 -1.73 -18.88
N LEU B 110 -7.80 -1.08 -19.29
CA LEU B 110 -8.31 0.12 -18.62
C LEU B 110 -7.26 1.22 -18.48
N ASN B 111 -6.43 1.38 -19.52
CA ASN B 111 -5.46 2.46 -19.60
C ASN B 111 -6.21 3.77 -19.78
N PRO B 112 -5.91 4.79 -18.96
CA PRO B 112 -6.68 6.04 -19.10
C PRO B 112 -6.64 6.66 -20.50
N LYS B 113 -7.77 7.22 -20.93
CA LYS B 113 -7.92 7.84 -22.25
C LYS B 113 -6.71 8.70 -22.62
N ALA B 114 -6.42 9.70 -21.79
CA ALA B 114 -5.30 10.65 -22.00
C ALA B 114 -3.95 9.96 -22.23
N ASN B 115 -3.73 8.81 -21.59
CA ASN B 115 -2.48 8.06 -21.74
C ASN B 115 -2.35 7.58 -23.19
N ARG B 116 -3.44 7.01 -23.72
CA ARG B 116 -3.47 6.53 -25.10
C ARG B 116 -3.32 7.66 -26.13
N GLU B 117 -3.94 8.81 -25.87
CA GLU B 117 -3.81 9.96 -26.77
C GLU B 117 -2.36 10.47 -26.85
N LYS B 118 -1.67 10.44 -25.71
CA LYS B 118 -0.29 10.90 -25.61
C LYS B 118 0.66 10.02 -26.41
N MET B 119 0.45 8.70 -26.39
CA MET B 119 1.25 7.75 -27.17
C MET B 119 1.09 8.06 -28.66
N THR B 120 -0.17 8.24 -29.05
CA THR B 120 -0.53 8.60 -30.41
C THR B 120 0.21 9.88 -30.80
N GLN B 121 0.06 10.93 -30.00
CA GLN B 121 0.72 12.20 -30.29
C GLN B 121 2.23 12.02 -30.51
N ILE B 122 2.87 11.22 -29.66
CA ILE B 122 4.32 11.05 -29.72
C ILE B 122 4.76 10.30 -30.98
N MET B 123 4.03 9.25 -31.33
CA MET B 123 4.35 8.44 -32.50
C MET B 123 4.21 9.24 -33.81
N PHE B 124 3.14 10.01 -33.93
CA PHE B 124 2.89 10.79 -35.15
C PHE B 124 3.75 12.03 -35.29
N GLU B 125 4.06 12.68 -34.17
CA GLU B 125 4.78 13.95 -34.22
C GLU B 125 6.27 13.80 -33.96
N THR B 126 6.64 13.01 -32.97
CA THR B 126 8.05 12.86 -32.62
C THR B 126 8.74 11.76 -33.43
N PHE B 127 8.02 10.68 -33.74
CA PHE B 127 8.58 9.60 -34.56
C PHE B 127 8.05 9.58 -35.99
N ASN B 128 7.08 10.44 -36.30
CA ASN B 128 6.57 10.62 -37.67
C ASN B 128 6.12 9.33 -38.36
N VAL B 129 5.50 8.43 -37.62
CA VAL B 129 5.04 7.15 -38.20
C VAL B 129 3.93 7.39 -39.22
N PRO B 130 3.87 6.56 -40.28
CA PRO B 130 2.84 6.68 -41.30
C PRO B 130 1.46 6.25 -40.81
N ALA B 131 1.43 5.20 -40.00
CA ALA B 131 0.19 4.70 -39.41
C ALA B 131 0.49 4.07 -38.05
N MET B 132 -0.54 3.94 -37.21
CA MET B 132 -0.38 3.32 -35.90
C MET B 132 -1.72 2.88 -35.26
N TYR B 133 -1.61 2.03 -34.24
CA TYR B 133 -2.76 1.51 -33.50
C TYR B 133 -2.31 1.06 -32.11
N VAL B 134 -3.17 1.23 -31.10
CA VAL B 134 -2.87 0.79 -29.74
C VAL B 134 -3.82 -0.35 -29.36
N ALA B 135 -3.26 -1.51 -29.01
CA ALA B 135 -4.09 -2.68 -28.68
C ALA B 135 -4.00 -3.09 -27.21
N ILE B 136 -5.06 -3.74 -26.73
CA ILE B 136 -5.11 -4.24 -25.35
C ILE B 136 -4.35 -5.58 -25.27
N GLN B 137 -3.39 -5.65 -24.35
CA GLN B 137 -2.48 -6.78 -24.21
C GLN B 137 -3.13 -8.12 -23.93
N ALA B 138 -4.14 -8.10 -23.07
CA ALA B 138 -4.85 -9.33 -22.73
C ALA B 138 -5.57 -9.89 -23.92
N VAL B 139 -6.13 -9.00 -24.74
CA VAL B 139 -6.91 -9.39 -25.91
C VAL B 139 -6.00 -10.03 -26.95
N LEU B 140 -4.83 -9.44 -27.18
CA LEU B 140 -3.86 -10.00 -28.12
C LEU B 140 -3.44 -11.40 -27.70
N SER B 141 -3.19 -11.60 -26.41
CA SER B 141 -2.81 -12.92 -25.89
C SER B 141 -3.85 -13.96 -26.26
N LEU B 142 -5.13 -13.62 -26.07
CA LEU B 142 -6.23 -14.48 -26.45
C LEU B 142 -6.14 -14.80 -27.94
N TYR B 143 -6.02 -13.76 -28.78
CA TYR B 143 -5.92 -13.98 -30.24
C TYR B 143 -4.80 -14.97 -30.56
N ALA B 144 -3.67 -14.83 -29.85
CA ALA B 144 -2.51 -15.73 -29.99
C ALA B 144 -2.88 -17.21 -29.72
N SER B 145 -3.82 -17.44 -28.82
CA SER B 145 -4.33 -18.79 -28.53
C SER B 145 -5.39 -19.27 -29.53
N GLY B 146 -5.69 -18.47 -30.57
CA GLY B 146 -6.71 -18.81 -31.55
C GLY B 146 -8.15 -18.71 -31.02
N ARG B 147 -8.39 -17.73 -30.16
CA ARG B 147 -9.71 -17.53 -29.56
C ARG B 147 -10.17 -16.08 -29.67
N THR B 148 -11.46 -15.89 -29.92
CA THR B 148 -12.06 -14.55 -29.96
C THR B 148 -12.80 -14.24 -28.64
N THR B 149 -12.87 -15.23 -27.76
CA THR B 149 -13.64 -15.15 -26.52
C THR B 149 -12.98 -15.97 -25.42
N GLY B 150 -13.00 -15.43 -24.21
CA GLY B 150 -12.43 -16.13 -23.06
C GLY B 150 -11.99 -15.17 -21.97
N ILE B 151 -11.42 -15.74 -20.91
CA ILE B 151 -10.92 -14.93 -19.79
C ILE B 151 -9.40 -15.09 -19.64
N VAL B 152 -8.70 -13.97 -19.76
CA VAL B 152 -7.24 -13.99 -19.78
C VAL B 152 -6.61 -13.61 -18.44
N LEU B 153 -5.63 -14.39 -18.03
CA LEU B 153 -4.83 -14.08 -16.88
C LEU B 153 -3.49 -13.59 -17.43
N ASP B 154 -3.29 -12.28 -17.39
CA ASP B 154 -2.05 -11.68 -17.86
C ASP B 154 -1.33 -11.16 -16.62
N SER B 155 -0.20 -11.78 -16.29
CA SER B 155 0.59 -11.37 -15.13
C SER B 155 2.05 -11.28 -15.55
N GLY B 156 2.60 -10.09 -15.45
CA GLY B 156 3.95 -9.83 -15.94
C GLY B 156 4.94 -9.52 -14.83
N ASP B 157 5.71 -8.45 -15.00
CA ASP B 157 6.69 -8.03 -14.01
C ASP B 157 6.08 -7.00 -13.06
N GLY B 158 5.11 -6.22 -13.55
CA GLY B 158 4.53 -5.13 -12.77
C GLY B 158 3.04 -5.17 -12.48
N VAL B 159 2.26 -5.99 -13.19
CA VAL B 159 0.82 -6.03 -12.95
C VAL B 159 0.17 -7.31 -13.39
N THR B 160 -0.93 -7.64 -12.72
CA THR B 160 -1.71 -8.83 -13.00
C THR B 160 -3.15 -8.42 -13.31
N HIS B 161 -3.67 -8.87 -14.44
CA HIS B 161 -5.03 -8.55 -14.85
C HIS B 161 -5.82 -9.81 -15.18
N ASN B 162 -7.10 -9.76 -14.87
CA ASN B 162 -8.06 -10.74 -15.33
C ASN B 162 -8.93 -9.99 -16.30
N VAL B 163 -8.85 -10.34 -17.57
CA VAL B 163 -9.56 -9.63 -18.63
C VAL B 163 -10.50 -10.56 -19.38
N PRO B 164 -11.82 -10.41 -19.15
CA PRO B 164 -12.79 -11.22 -19.88
C PRO B 164 -13.05 -10.60 -21.25
N ILE B 165 -13.34 -11.46 -22.24
CA ILE B 165 -13.47 -11.04 -23.63
C ILE B 165 -14.57 -11.82 -24.34
N TYR B 166 -15.43 -11.08 -25.06
CA TYR B 166 -16.54 -11.66 -25.81
C TYR B 166 -16.46 -11.12 -27.24
N GLU B 167 -16.45 -12.01 -28.22
CA GLU B 167 -16.35 -11.64 -29.64
C GLU B 167 -15.27 -10.58 -29.91
N GLY B 168 -14.11 -10.75 -29.29
CA GLY B 168 -12.99 -9.82 -29.47
C GLY B 168 -12.97 -8.59 -28.57
N TYR B 169 -14.14 -8.15 -28.11
CA TYR B 169 -14.24 -6.94 -27.27
C TYR B 169 -14.06 -7.27 -25.77
N ALA B 170 -13.10 -6.59 -25.12
CA ALA B 170 -12.84 -6.79 -23.69
C ALA B 170 -13.92 -6.07 -22.88
N LEU B 171 -14.58 -6.81 -22.00
CA LEU B 171 -15.63 -6.26 -21.15
C LEU B 171 -14.98 -5.49 -19.99
N PRO B 172 -15.02 -4.13 -20.03
CA PRO B 172 -14.21 -3.34 -19.09
C PRO B 172 -14.68 -3.37 -17.63
N HIS B 173 -15.98 -3.49 -17.39
CA HIS B 173 -16.49 -3.51 -16.02
C HIS B 173 -16.20 -4.80 -15.27
N ALA B 174 -15.73 -5.81 -15.99
CA ALA B 174 -15.42 -7.12 -15.42
C ALA B 174 -13.91 -7.39 -15.32
N ILE B 175 -13.08 -6.43 -15.73
CA ILE B 175 -11.61 -6.59 -15.65
C ILE B 175 -11.14 -6.38 -14.21
N MET B 176 -10.31 -7.30 -13.73
CA MET B 176 -9.75 -7.23 -12.39
C MET B 176 -8.26 -6.94 -12.48
N ARG B 177 -7.80 -5.99 -11.68
CA ARG B 177 -6.40 -5.61 -11.64
C ARG B 177 -5.82 -6.02 -10.30
N LEU B 178 -4.52 -6.29 -10.28
CA LEU B 178 -3.83 -6.71 -9.06
C LEU B 178 -2.37 -6.30 -9.19
N ASP B 179 -1.95 -5.33 -8.38
CA ASP B 179 -0.58 -4.79 -8.42
C ASP B 179 0.41 -5.70 -7.71
N LEU B 180 0.61 -6.89 -8.28
CA LEU B 180 1.49 -7.89 -7.72
C LEU B 180 1.86 -8.82 -8.84
N ALA B 181 3.11 -8.79 -9.25
CA ALA B 181 3.60 -9.63 -10.34
C ALA B 181 5.02 -10.09 -10.05
N GLY B 182 5.78 -10.40 -11.11
CA GLY B 182 7.12 -10.96 -10.98
C GLY B 182 8.10 -10.24 -10.09
N ARG B 183 8.10 -8.90 -10.17
CA ARG B 183 9.05 -8.10 -9.38
C ARG B 183 8.73 -8.18 -7.89
N ASP B 184 7.45 -8.16 -7.55
CA ASP B 184 7.00 -8.36 -6.16
C ASP B 184 7.35 -9.76 -5.69
N LEU B 185 7.20 -10.76 -6.55
CA LEU B 185 7.55 -12.14 -6.19
C LEU B 185 9.07 -12.30 -6.02
N THR B 186 9.85 -11.54 -6.79
CA THR B 186 11.31 -11.55 -6.65
C THR B 186 11.73 -10.85 -5.35
N ASP B 187 11.07 -9.73 -5.02
CA ASP B 187 11.33 -9.02 -3.75
C ASP B 187 11.06 -9.93 -2.56
N TYR B 188 9.99 -10.71 -2.63
CA TYR B 188 9.60 -11.61 -1.54
C TYR B 188 10.63 -12.72 -1.34
N LEU B 189 11.00 -13.36 -2.45
CA LEU B 189 12.01 -14.43 -2.45
C LEU B 189 13.35 -13.96 -1.90
N MET B 190 13.72 -12.70 -2.16
CA MET B 190 14.92 -12.11 -1.54
C MET B 190 14.71 -12.09 -0.03
N LYS B 191 13.53 -11.67 0.40
CA LYS B 191 13.25 -11.58 1.81
C LYS B 191 13.32 -12.94 2.45
N ILE B 192 12.57 -13.90 1.92
CA ILE B 192 12.49 -15.23 2.54
C ILE B 192 13.73 -16.11 2.33
N LEU B 193 14.70 -15.64 1.54
CA LEU B 193 16.01 -16.32 1.45
C LEU B 193 16.95 -15.85 2.59
N THR B 194 16.65 -14.66 3.13
CA THR B 194 17.40 -14.08 4.24
C THR B 194 17.20 -14.83 5.55
N GLU B 195 16.03 -15.45 5.72
CA GLU B 195 15.76 -16.27 6.91
C GLU B 195 16.45 -17.63 6.87
N ARG B 196 17.05 -17.97 5.72
CA ARG B 196 17.87 -19.17 5.62
C ARG B 196 19.35 -18.81 5.85
N GLY B 197 19.65 -17.51 5.87
CA GLY B 197 20.99 -17.02 6.15
C GLY B 197 21.69 -16.34 4.99
N TYR B 198 21.07 -16.36 3.81
CA TYR B 198 21.64 -15.69 2.63
C TYR B 198 21.43 -14.18 2.69
N SER B 199 22.17 -13.44 1.88
CA SER B 199 22.19 -11.97 1.97
C SER B 199 22.03 -11.28 0.63
N PHE B 200 20.86 -11.41 0.00
CA PHE B 200 20.55 -10.75 -1.28
C PHE B 200 19.85 -9.42 -1.03
N VAL B 201 20.53 -8.31 -1.30
CA VAL B 201 19.95 -6.97 -1.07
C VAL B 201 20.20 -5.98 -2.23
N THR B 202 21.34 -6.07 -2.90
CA THR B 202 21.63 -5.14 -3.98
C THR B 202 20.84 -5.46 -5.23
N THR B 203 20.81 -4.49 -6.14
CA THR B 203 20.12 -4.61 -7.43
C THR B 203 20.73 -5.70 -8.32
N ALA B 204 22.06 -5.83 -8.28
CA ALA B 204 22.73 -6.89 -9.05
C ALA B 204 22.32 -8.25 -8.48
N GLU B 205 22.39 -8.36 -7.16
CA GLU B 205 21.97 -9.57 -6.45
C GLU B 205 20.49 -9.88 -6.64
N ARG B 206 19.67 -8.88 -6.92
CA ARG B 206 18.24 -9.12 -7.16
C ARG B 206 18.04 -9.85 -8.48
N GLU B 207 18.84 -9.51 -9.48
CA GLU B 207 18.76 -10.19 -10.78
C GLU B 207 19.18 -11.64 -10.61
N ILE B 208 20.05 -11.90 -9.64
CA ILE B 208 20.42 -13.26 -9.32
C ILE B 208 19.18 -13.98 -8.78
N VAL B 209 18.47 -13.35 -7.86
CA VAL B 209 17.25 -13.94 -7.26
C VAL B 209 16.18 -14.15 -8.32
N ARG B 210 16.02 -13.18 -9.23
CA ARG B 210 15.04 -13.32 -10.30
C ARG B 210 15.35 -14.58 -11.11
N ASP B 211 16.63 -14.84 -11.38
CA ASP B 211 17.02 -16.04 -12.11
C ASP B 211 16.64 -17.30 -11.33
N ILE B 212 16.88 -17.29 -10.02
CA ILE B 212 16.50 -18.41 -9.16
C ILE B 212 14.97 -18.66 -9.30
N LYS B 213 14.20 -17.59 -9.12
CA LYS B 213 12.75 -17.60 -9.27
C LYS B 213 12.34 -18.22 -10.61
N GLU B 214 13.00 -17.82 -11.69
CA GLU B 214 12.65 -18.35 -13.01
C GLU B 214 13.15 -19.76 -13.26
N LYS B 215 14.15 -20.21 -12.52
CA LYS B 215 14.76 -21.51 -12.77
C LYS B 215 14.25 -22.64 -11.88
N LEU B 216 13.88 -22.32 -10.65
CA LEU B 216 13.55 -23.36 -9.66
C LEU B 216 12.15 -23.29 -9.06
N CYS B 217 11.61 -22.07 -8.93
CA CYS B 217 10.29 -21.91 -8.36
C CYS B 217 9.18 -22.65 -9.09
N TYR B 218 8.19 -23.12 -8.35
CA TYR B 218 6.99 -23.75 -8.92
C TYR B 218 5.81 -23.44 -8.03
N VAL B 219 4.60 -23.77 -8.50
CA VAL B 219 3.38 -23.60 -7.69
C VAL B 219 2.91 -24.94 -7.12
N ALA B 220 2.88 -25.04 -5.80
CA ALA B 220 2.41 -26.25 -5.11
C ALA B 220 0.95 -26.53 -5.41
N LEU B 221 0.61 -27.79 -5.66
CA LEU B 221 -0.78 -28.20 -5.84
C LEU B 221 -1.52 -28.01 -4.52
N ASP B 222 -0.84 -28.29 -3.40
CA ASP B 222 -1.37 -28.02 -2.06
C ASP B 222 -0.27 -27.56 -1.10
N PHE B 223 -0.37 -26.30 -0.69
CA PHE B 223 0.65 -25.64 0.15
C PHE B 223 0.99 -26.40 1.44
N GLU B 224 -0.02 -26.64 2.29
CA GLU B 224 0.25 -27.23 3.59
C GLU B 224 1.00 -28.57 3.39
N ASN B 225 0.47 -29.46 2.56
CA ASN B 225 1.16 -30.71 2.24
C ASN B 225 2.60 -30.42 1.88
N GLU B 226 2.79 -29.46 0.96
CA GLU B 226 4.14 -29.16 0.45
C GLU B 226 5.08 -28.69 1.55
N MET B 227 4.59 -27.80 2.40
CA MET B 227 5.39 -27.30 3.52
C MET B 227 5.80 -28.42 4.42
N ALA B 228 4.90 -29.41 4.55
CA ALA B 228 5.13 -30.61 5.37
C ALA B 228 6.19 -31.52 4.75
N THR B 229 6.24 -31.60 3.43
CA THR B 229 7.23 -32.44 2.76
C THR B 229 8.62 -31.80 2.85
N ALA B 230 8.64 -30.47 2.91
CA ALA B 230 9.87 -29.70 3.05
C ALA B 230 10.38 -29.81 4.48
N ALA B 231 9.46 -29.71 5.43
CA ALA B 231 9.79 -29.81 6.84
C ALA B 231 10.39 -31.18 7.19
N SER B 232 9.77 -32.23 6.67
CA SER B 232 10.12 -33.60 7.05
C SER B 232 11.22 -34.24 6.23
N SER B 233 11.45 -33.79 5.01
CA SER B 233 12.50 -34.37 4.18
C SER B 233 13.21 -33.33 3.32
N SER B 234 14.21 -33.78 2.55
CA SER B 234 14.96 -32.88 1.68
C SER B 234 14.72 -33.22 0.21
N SER B 235 13.58 -33.85 -0.07
CA SER B 235 13.26 -34.26 -1.43
C SER B 235 13.02 -33.08 -2.36
N LEU B 236 12.57 -31.94 -1.80
CA LEU B 236 12.25 -30.76 -2.61
C LEU B 236 13.37 -29.72 -2.74
N GLU B 237 14.56 -29.99 -2.19
CA GLU B 237 15.65 -29.03 -2.24
C GLU B 237 16.36 -29.08 -3.60
N LYS B 238 16.87 -27.93 -4.04
CA LYS B 238 17.61 -27.82 -5.29
C LYS B 238 18.86 -26.96 -5.08
N SER B 239 19.89 -27.27 -5.86
CA SER B 239 21.15 -26.55 -5.83
C SER B 239 21.12 -25.43 -6.87
N TYR B 240 21.75 -24.31 -6.57
CA TYR B 240 21.84 -23.19 -7.50
C TYR B 240 23.27 -22.68 -7.56
N GLU B 241 23.85 -22.69 -8.76
CA GLU B 241 25.22 -22.22 -8.96
C GLU B 241 25.21 -20.71 -9.15
N LEU B 242 25.71 -19.98 -8.16
CA LEU B 242 25.83 -18.52 -8.22
C LEU B 242 26.94 -18.11 -9.21
N PRO B 243 26.95 -16.83 -9.62
CA PRO B 243 27.98 -16.29 -10.53
C PRO B 243 29.44 -16.57 -10.13
N ASP B 244 29.76 -16.38 -8.85
CA ASP B 244 31.15 -16.57 -8.39
C ASP B 244 31.58 -18.04 -8.26
N GLY B 245 30.66 -18.98 -8.49
CA GLY B 245 30.98 -20.41 -8.49
C GLY B 245 30.43 -21.21 -7.31
N GLN B 246 30.12 -20.55 -6.21
CA GLN B 246 29.58 -21.24 -5.04
C GLN B 246 28.15 -21.75 -5.31
N VAL B 247 27.79 -22.85 -4.65
CA VAL B 247 26.47 -23.45 -4.79
C VAL B 247 25.65 -23.17 -3.54
N ILE B 248 24.35 -22.95 -3.71
CA ILE B 248 23.47 -22.74 -2.55
C ILE B 248 22.18 -23.58 -2.65
N THR B 249 21.52 -23.81 -1.51
CA THR B 249 20.35 -24.67 -1.47
C THR B 249 19.10 -23.89 -1.10
N ILE B 250 18.00 -24.17 -1.79
CA ILE B 250 16.74 -23.53 -1.50
C ILE B 250 15.65 -24.62 -1.37
N GLY B 251 14.69 -24.38 -0.49
CA GLY B 251 13.62 -25.36 -0.20
C GLY B 251 12.24 -24.78 -0.39
N ASN B 252 11.39 -24.81 0.65
CA ASN B 252 10.02 -24.31 0.49
C ASN B 252 9.88 -22.96 -0.21
N GLU B 253 10.97 -22.19 -0.27
CA GLU B 253 10.92 -20.94 -0.99
C GLU B 253 10.54 -21.20 -2.45
N ARG B 254 10.97 -22.33 -3.02
CA ARG B 254 10.60 -22.71 -4.40
C ARG B 254 9.11 -22.46 -4.70
N PHE B 255 8.25 -22.90 -3.78
CA PHE B 255 6.80 -22.79 -3.96
C PHE B 255 6.12 -21.74 -3.09
N ARG B 256 6.80 -21.27 -2.04
CA ARG B 256 6.25 -20.21 -1.18
C ARG B 256 6.27 -18.86 -1.87
N CYS B 257 7.25 -18.65 -2.75
CA CYS B 257 7.38 -17.41 -3.50
C CYS B 257 6.14 -17.22 -4.41
N PRO B 258 5.96 -18.07 -5.43
CA PRO B 258 4.78 -17.96 -6.30
C PRO B 258 3.44 -18.12 -5.60
N GLU B 259 3.45 -18.74 -4.43
CA GLU B 259 2.25 -18.94 -3.65
C GLU B 259 1.58 -17.59 -3.35
N THR B 260 2.38 -16.53 -3.27
CA THR B 260 1.84 -15.21 -2.99
C THR B 260 0.75 -14.85 -4.00
N LEU B 261 0.86 -15.38 -5.22
CA LEU B 261 -0.14 -15.15 -6.27
C LEU B 261 -1.52 -15.57 -5.82
N PHE B 262 -1.58 -16.71 -5.16
CA PHE B 262 -2.83 -17.27 -4.65
C PHE B 262 -3.18 -16.74 -3.26
N GLN B 263 -2.18 -16.30 -2.51
CA GLN B 263 -2.41 -15.71 -1.20
C GLN B 263 -1.54 -14.44 -1.08
N PRO B 264 -2.08 -13.27 -1.49
CA PRO B 264 -1.28 -12.05 -1.48
C PRO B 264 -1.00 -11.50 -0.09
N SER B 265 -1.73 -11.94 0.93
CA SER B 265 -1.46 -11.44 2.29
C SER B 265 -0.11 -11.91 2.85
N PHE B 266 0.63 -12.73 2.11
CA PHE B 266 2.00 -13.07 2.51
C PHE B 266 2.89 -11.81 2.46
N ILE B 267 2.63 -10.90 1.52
CA ILE B 267 3.38 -9.66 1.46
C ILE B 267 2.59 -8.45 1.96
N GLY B 268 1.62 -8.69 2.83
CA GLY B 268 0.83 -7.60 3.44
C GLY B 268 -0.20 -6.92 2.55
N MET B 269 -0.77 -7.67 1.60
CA MET B 269 -1.81 -7.14 0.74
C MET B 269 -3.10 -7.90 1.01
N GLU B 270 -4.19 -7.17 1.22
CA GLU B 270 -5.47 -7.81 1.52
C GLU B 270 -6.28 -8.17 0.26
N SER B 271 -5.74 -7.85 -0.92
CA SER B 271 -6.35 -8.23 -2.20
C SER B 271 -6.58 -9.74 -2.30
N ALA B 272 -7.71 -10.13 -2.88
CA ALA B 272 -8.02 -11.55 -3.12
C ALA B 272 -7.03 -12.17 -4.12
N GLY B 273 -6.78 -13.46 -3.99
CA GLY B 273 -5.81 -14.17 -4.86
C GLY B 273 -6.22 -14.29 -6.32
N ILE B 274 -5.30 -14.71 -7.18
CA ILE B 274 -5.56 -14.76 -8.62
C ILE B 274 -6.75 -15.64 -8.99
N HIS B 275 -6.89 -16.75 -8.26
CA HIS B 275 -8.01 -17.67 -8.48
C HIS B 275 -9.35 -17.03 -8.12
N GLU B 276 -9.35 -16.22 -7.07
CA GLU B 276 -10.57 -15.57 -6.57
C GLU B 276 -10.99 -14.45 -7.49
N THR B 277 -10.03 -13.62 -7.92
CA THR B 277 -10.32 -12.56 -8.89
C THR B 277 -10.75 -13.12 -10.25
N THR B 278 -10.24 -14.31 -10.62
CA THR B 278 -10.68 -14.98 -11.85
C THR B 278 -12.16 -15.37 -11.71
N TYR B 279 -12.53 -15.86 -10.54
CA TYR B 279 -13.94 -16.15 -10.27
C TYR B 279 -14.73 -14.85 -10.31
N ASN B 280 -14.24 -13.82 -9.62
CA ASN B 280 -14.93 -12.54 -9.57
C ASN B 280 -15.11 -11.93 -10.96
N SER B 281 -14.06 -12.00 -11.78
CA SER B 281 -14.14 -11.46 -13.14
C SER B 281 -15.28 -12.12 -13.93
N ILE B 282 -15.42 -13.44 -13.78
CA ILE B 282 -16.48 -14.18 -14.47
C ILE B 282 -17.89 -13.89 -13.96
N MET B 283 -18.03 -13.68 -12.64
CA MET B 283 -19.37 -13.39 -12.06
C MET B 283 -19.89 -12.00 -12.41
N LYS B 284 -18.98 -11.06 -12.65
CA LYS B 284 -19.34 -9.71 -13.09
C LYS B 284 -19.89 -9.69 -14.52
N CYS B 285 -19.54 -10.70 -15.31
CA CYS B 285 -19.99 -10.78 -16.70
C CYS B 285 -21.43 -11.28 -16.81
N ASP B 286 -22.02 -11.07 -17.98
CA ASP B 286 -23.35 -11.58 -18.30
C ASP B 286 -23.39 -13.09 -18.09
N ILE B 287 -24.53 -13.62 -17.64
CA ILE B 287 -24.63 -15.05 -17.33
C ILE B 287 -24.39 -15.94 -18.55
N ASP B 288 -24.95 -15.57 -19.70
CA ASP B 288 -24.82 -16.36 -20.94
C ASP B 288 -23.37 -16.72 -21.30
N ILE B 289 -22.42 -15.83 -21.03
CA ILE B 289 -21.03 -16.03 -21.46
C ILE B 289 -20.11 -16.75 -20.46
N ARG B 290 -20.56 -16.93 -19.21
CA ARG B 290 -19.73 -17.53 -18.16
C ARG B 290 -19.27 -18.94 -18.50
N LYS B 291 -20.20 -19.79 -18.95
CA LYS B 291 -19.84 -21.15 -19.36
C LYS B 291 -18.64 -21.14 -20.32
N ASP B 292 -18.63 -20.18 -21.25
CA ASP B 292 -17.56 -20.06 -22.22
C ASP B 292 -16.30 -19.56 -21.55
N LEU B 293 -16.45 -18.52 -20.72
CA LEU B 293 -15.30 -17.98 -20.00
C LEU B 293 -14.60 -19.10 -19.22
N TYR B 294 -15.29 -19.74 -18.30
CA TYR B 294 -14.72 -20.87 -17.55
C TYR B 294 -13.98 -21.85 -18.48
N ALA B 295 -14.61 -22.15 -19.61
CA ALA B 295 -14.04 -23.11 -20.58
C ALA B 295 -12.83 -22.57 -21.33
N ASN B 296 -12.49 -21.31 -21.07
CA ASN B 296 -11.43 -20.62 -21.81
C ASN B 296 -10.63 -19.68 -20.94
N ASN B 297 -9.84 -20.28 -20.05
CA ASN B 297 -8.93 -19.54 -19.18
C ASN B 297 -7.55 -19.58 -19.77
N VAL B 298 -7.20 -18.54 -20.53
CA VAL B 298 -5.88 -18.47 -21.13
C VAL B 298 -4.92 -17.73 -20.19
N MET B 299 -3.67 -18.18 -20.17
CA MET B 299 -2.67 -17.55 -19.34
C MET B 299 -1.62 -16.87 -20.17
N SER B 300 -1.33 -15.64 -19.80
CA SER B 300 -0.40 -14.79 -20.52
C SER B 300 0.57 -14.17 -19.53
N GLY B 301 1.80 -13.91 -19.98
CA GLY B 301 2.82 -13.24 -19.17
C GLY B 301 3.80 -14.18 -18.47
N GLY B 302 5.03 -13.69 -18.27
CA GLY B 302 6.09 -14.47 -17.62
C GLY B 302 5.79 -15.02 -16.23
N THR B 303 4.94 -14.33 -15.47
CA THR B 303 4.57 -14.78 -14.13
C THR B 303 3.55 -15.94 -14.15
N THR B 304 3.13 -16.39 -15.33
CA THR B 304 2.29 -17.57 -15.42
C THR B 304 3.12 -18.78 -15.88
N MET B 305 4.44 -18.62 -15.97
CA MET B 305 5.33 -19.70 -16.42
C MET B 305 5.75 -20.68 -15.32
N TYR B 306 5.39 -20.40 -14.07
CA TYR B 306 5.76 -21.30 -12.98
C TYR B 306 5.21 -22.70 -13.27
N PRO B 307 6.08 -23.72 -13.29
CA PRO B 307 5.52 -25.08 -13.41
C PRO B 307 4.40 -25.33 -12.39
N GLY B 308 3.38 -26.07 -12.81
CA GLY B 308 2.27 -26.43 -11.92
C GLY B 308 1.24 -25.35 -11.64
N ILE B 309 1.34 -24.22 -12.30
CA ILE B 309 0.37 -23.13 -12.14
C ILE B 309 -0.98 -23.48 -12.79
N ALA B 310 -0.93 -24.28 -13.86
CA ALA B 310 -2.12 -24.68 -14.57
C ALA B 310 -2.97 -25.68 -13.77
N ASP B 311 -2.30 -26.58 -13.05
CA ASP B 311 -2.99 -27.56 -12.23
C ASP B 311 -3.65 -26.89 -11.06
N ARG B 312 -2.90 -25.98 -10.44
CA ARG B 312 -3.38 -25.26 -9.28
C ARG B 312 -4.61 -24.42 -9.59
N MET B 313 -4.59 -23.71 -10.72
CA MET B 313 -5.74 -22.88 -11.12
C MET B 313 -6.99 -23.71 -11.37
N GLN B 314 -6.82 -24.87 -12.02
CA GLN B 314 -7.94 -25.78 -12.26
C GLN B 314 -8.55 -26.15 -10.91
N LYS B 315 -7.69 -26.58 -9.99
CA LYS B 315 -8.13 -27.01 -8.66
C LYS B 315 -8.96 -25.94 -7.99
N GLU B 316 -8.35 -24.78 -7.79
CA GLU B 316 -8.97 -23.69 -7.06
C GLU B 316 -10.22 -23.15 -7.74
N ILE B 317 -10.19 -23.05 -9.07
CA ILE B 317 -11.37 -22.58 -9.80
C ILE B 317 -12.55 -23.55 -9.62
N THR B 318 -12.25 -24.84 -9.58
CA THR B 318 -13.29 -25.87 -9.42
C THR B 318 -13.98 -25.74 -8.08
N ALA B 319 -13.21 -25.47 -7.03
CA ALA B 319 -13.72 -25.32 -5.67
C ALA B 319 -14.72 -24.16 -5.50
N LEU B 320 -14.48 -23.04 -6.19
CA LEU B 320 -15.31 -21.84 -6.07
C LEU B 320 -16.51 -21.86 -7.00
N ALA B 321 -16.42 -22.61 -8.09
CA ALA B 321 -17.48 -22.69 -9.10
C ALA B 321 -18.52 -23.76 -8.74
N PRO B 322 -19.65 -23.78 -9.47
CA PRO B 322 -20.62 -24.87 -9.29
C PRO B 322 -20.01 -26.22 -9.66
N SER B 323 -20.60 -27.29 -9.12
CA SER B 323 -20.08 -28.66 -9.31
C SER B 323 -20.06 -29.16 -10.76
N THR B 324 -21.04 -28.73 -11.55
CA THR B 324 -21.21 -29.26 -12.90
C THR B 324 -20.49 -28.49 -13.98
N MET B 325 -19.72 -27.48 -13.59
CA MET B 325 -19.05 -26.61 -14.55
C MET B 325 -17.78 -27.26 -15.11
N LYS B 326 -17.67 -27.28 -16.44
CA LYS B 326 -16.44 -27.73 -17.09
C LYS B 326 -15.45 -26.57 -17.08
N ILE B 327 -14.34 -26.76 -16.37
CA ILE B 327 -13.28 -25.74 -16.26
C ILE B 327 -12.09 -26.17 -17.10
N LYS B 328 -11.49 -25.22 -17.82
CA LYS B 328 -10.28 -25.49 -18.57
C LYS B 328 -9.33 -24.32 -18.50
N ILE B 329 -8.05 -24.62 -18.27
CA ILE B 329 -7.01 -23.59 -18.20
C ILE B 329 -6.04 -23.84 -19.35
N ILE B 330 -5.97 -22.89 -20.29
CA ILE B 330 -5.02 -22.99 -21.40
C ILE B 330 -3.72 -22.30 -21.02
N ALA B 331 -2.60 -22.99 -21.21
CA ALA B 331 -1.28 -22.46 -20.86
C ALA B 331 -0.29 -22.64 -22.00
N PRO B 332 -0.34 -21.75 -23.02
CA PRO B 332 0.57 -21.79 -24.16
C PRO B 332 2.05 -21.75 -23.77
N PRO B 333 2.88 -22.69 -24.28
CA PRO B 333 4.31 -22.73 -23.95
C PRO B 333 5.06 -21.42 -24.20
N GLU B 334 4.65 -20.72 -25.23
CA GLU B 334 5.28 -19.46 -25.64
C GLU B 334 4.62 -18.25 -24.97
N ARG B 335 3.98 -18.44 -23.83
CA ARG B 335 3.12 -17.40 -23.26
C ARG B 335 3.81 -16.22 -22.62
N LYS B 336 5.15 -16.18 -22.60
CA LYS B 336 5.80 -14.97 -22.12
C LYS B 336 5.90 -13.92 -23.24
N TYR B 337 5.57 -14.35 -24.48
CA TYR B 337 5.47 -13.43 -25.63
C TYR B 337 4.12 -13.54 -26.38
N SER B 338 3.07 -14.04 -25.72
CA SER B 338 1.73 -14.15 -26.35
C SER B 338 1.16 -12.78 -26.79
N VAL B 339 1.45 -11.72 -26.05
CA VAL B 339 0.97 -10.40 -26.41
C VAL B 339 1.61 -10.03 -27.74
N TRP B 340 2.93 -9.96 -27.77
CA TRP B 340 3.63 -9.65 -29.01
C TRP B 340 3.07 -10.50 -30.17
N ILE B 341 3.04 -11.81 -30.00
CA ILE B 341 2.55 -12.73 -31.03
C ILE B 341 1.13 -12.35 -31.47
N GLY B 342 0.28 -12.02 -30.51
CA GLY B 342 -1.08 -11.56 -30.80
C GLY B 342 -1.08 -10.40 -31.77
N GLY B 343 -0.18 -9.42 -31.52
CA GLY B 343 -0.03 -8.26 -32.40
C GLY B 343 0.55 -8.56 -33.76
N SER B 344 1.50 -9.50 -33.82
CA SER B 344 2.06 -9.95 -35.08
C SER B 344 0.97 -10.58 -35.97
N ILE B 345 0.08 -11.35 -35.36
CA ILE B 345 -1.07 -11.97 -36.04
C ILE B 345 -2.08 -10.90 -36.48
N LEU B 346 -2.45 -10.00 -35.57
CA LEU B 346 -3.44 -8.94 -35.83
C LEU B 346 -2.96 -7.96 -36.91
N ALA B 347 -1.72 -7.50 -36.77
CA ALA B 347 -1.13 -6.58 -37.73
C ALA B 347 -1.24 -7.12 -39.14
N SER B 348 -1.08 -8.44 -39.26
CA SER B 348 -1.08 -9.12 -40.55
C SER B 348 -2.48 -9.52 -41.07
N LEU B 349 -3.48 -9.55 -40.19
CA LEU B 349 -4.85 -9.83 -40.61
C LEU B 349 -5.35 -8.88 -41.69
N SER B 350 -6.27 -9.37 -42.52
CA SER B 350 -6.88 -8.58 -43.58
C SER B 350 -7.92 -7.63 -43.01
N THR B 351 -8.69 -8.15 -42.07
CA THR B 351 -9.75 -7.40 -41.39
C THR B 351 -9.23 -6.23 -40.55
N PHE B 352 -7.97 -6.27 -40.16
CA PHE B 352 -7.41 -5.21 -39.30
C PHE B 352 -6.89 -3.99 -40.05
N GLN B 353 -6.57 -4.17 -41.33
CA GLN B 353 -5.96 -3.10 -42.11
C GLN B 353 -6.81 -1.83 -42.14
N GLN B 354 -8.13 -2.00 -42.17
CA GLN B 354 -9.05 -0.85 -42.15
C GLN B 354 -9.01 -0.06 -40.85
N MET B 355 -8.60 -0.71 -39.77
CA MET B 355 -8.63 -0.10 -38.44
C MET B 355 -7.40 0.75 -38.09
N TRP B 356 -6.40 0.78 -38.98
CA TRP B 356 -5.20 1.59 -38.74
C TRP B 356 -5.54 3.07 -38.61
N ILE B 357 -4.58 3.86 -38.12
CA ILE B 357 -4.72 5.31 -38.08
C ILE B 357 -3.59 5.87 -38.92
N THR B 358 -3.93 6.41 -40.09
CA THR B 358 -2.92 7.01 -40.95
C THR B 358 -2.54 8.39 -40.42
N LYS B 359 -1.35 8.86 -40.79
CA LYS B 359 -0.90 10.18 -40.38
C LYS B 359 -1.84 11.24 -40.91
N GLN B 360 -2.44 10.96 -42.06
CA GLN B 360 -3.44 11.85 -42.65
C GLN B 360 -4.61 11.98 -41.70
N GLU B 361 -5.21 10.84 -41.33
CA GLU B 361 -6.34 10.80 -40.40
C GLU B 361 -6.06 11.57 -39.12
N TYR B 362 -4.87 11.39 -38.56
CA TYR B 362 -4.51 12.03 -37.30
C TYR B 362 -4.38 13.54 -37.47
N ASP B 363 -3.49 13.96 -38.38
CA ASP B 363 -3.31 15.40 -38.67
C ASP B 363 -4.65 16.04 -39.04
N GLU B 364 -5.48 15.29 -39.77
CA GLU B 364 -6.83 15.72 -40.11
C GLU B 364 -7.72 15.73 -38.87
N ALA B 365 -8.14 14.54 -38.42
CA ALA B 365 -9.13 14.40 -37.32
C ALA B 365 -8.65 14.81 -35.92
N GLY B 366 -7.48 14.33 -35.51
CA GLY B 366 -6.91 14.65 -34.19
C GLY B 366 -6.94 13.49 -33.18
N PRO B 367 -6.36 13.70 -31.98
CA PRO B 367 -6.29 12.69 -30.92
C PRO B 367 -7.61 11.97 -30.61
N SER B 368 -8.73 12.67 -30.71
CA SER B 368 -10.05 12.06 -30.44
C SER B 368 -10.53 11.05 -31.49
N ILE B 369 -9.64 10.65 -32.42
CA ILE B 369 -9.97 9.65 -33.44
C ILE B 369 -9.49 8.23 -33.04
N VAL B 370 -8.58 8.17 -32.06
CA VAL B 370 -8.04 6.88 -31.60
C VAL B 370 -9.01 6.10 -30.68
N HIS B 371 -10.26 6.56 -30.57
CA HIS B 371 -11.27 5.89 -29.74
C HIS B 371 -12.27 5.13 -30.60
CA CA C . -2.32 9.68 15.52
CA CA D . -0.60 -7.38 33.61
PG ANP E . -3.65 6.91 16.06
O1G ANP E . -2.88 6.75 14.77
O2G ANP E . -3.27 8.18 16.82
O3G ANP E . -3.75 5.69 16.95
PB ANP E . -5.79 8.88 15.70
O1B ANP E . -4.63 9.78 15.41
O2B ANP E . -7.06 9.03 14.88
N3B ANP E . -5.28 7.22 15.60
PA ANP E . -6.34 10.68 17.74
O1A ANP E . -5.06 10.98 18.52
O2A ANP E . -6.76 11.61 16.64
O3A ANP E . -6.24 9.16 17.21
O5' ANP E . -7.57 10.53 18.78
C5' ANP E . -8.71 9.69 18.57
C4' ANP E . -9.04 8.90 19.86
O4' ANP E . -9.12 9.81 20.94
C3' ANP E . -10.39 8.19 19.86
O3' ANP E . -10.25 6.87 20.39
C2' ANP E . -11.25 9.08 20.74
O2' ANP E . -12.41 8.42 21.30
C1' ANP E . -10.23 9.50 21.75
N9 ANP E . -10.65 10.69 22.49
C8 ANP E . -10.95 11.90 21.98
N7 ANP E . -11.31 12.76 22.96
C5 ANP E . -11.23 12.10 24.12
C6 ANP E . -11.48 12.41 25.52
N6 ANP E . -11.88 13.65 25.88
N1 ANP E . -11.29 11.43 26.43
C2 ANP E . -10.89 10.19 26.07
N3 ANP E . -10.64 9.82 24.79
C4 ANP E . -10.80 10.73 23.81
S1 LAR F . -15.54 3.54 18.01
N1 LAR F . -13.26 4.63 17.78
O1 LAR F . -12.70 9.68 16.81
O2 LAR F . -14.32 8.89 15.38
O3 LAR F . -14.70 5.43 14.46
O4 LAR F . -15.25 6.26 16.58
O5 LAR F . -14.17 4.60 19.85
C1 LAR F . -13.80 9.87 16.32
C2 LAR F . -14.56 11.08 16.76
C3 LAR F . -15.81 11.43 16.39
C4 LAR F . -16.69 10.66 15.43
C5 LAR F . -16.37 10.98 13.97
C6 LAR F . -17.57 10.62 13.10
C7 LAR F . -17.74 9.44 12.72
C8 LAR F . -18.29 8.50 12.08
C9 LAR F . -18.24 7.28 11.63
C10 LAR F . -18.05 6.16 12.62
C11 LAR F . -16.84 5.30 12.24
C12 LAR F . -15.51 6.06 12.27
C13 LAR F . -15.07 6.54 13.64
C14 LAR F . -13.89 7.49 13.48
C15 LAR F . -13.36 8.00 14.81
C16 LAR F . -13.07 6.81 15.73
C17 LAR F . -14.18 5.75 15.77
C18 LAR F . -13.64 4.46 16.38
C19 LAR F . -14.72 3.39 16.47
C20 LAR F . -14.22 4.32 18.66
C21 LAR F . -16.37 12.68 16.97
C22 LAR F . -19.33 5.32 12.69
CA CA G . 3.00 -6.85 -20.41
CA CA H . -5.62 -12.81 2.14
PG ANP I . 3.84 -6.10 -17.19
O1G ANP I . 3.72 -4.65 -17.57
O2G ANP I . 3.37 -7.07 -18.25
O3G ANP I . 3.42 -6.48 -15.78
PB ANP I . 6.21 -7.24 -18.48
O1B ANP I . 5.35 -7.12 -19.70
O2B ANP I . 7.68 -6.88 -18.58
N3B ANP I . 5.55 -6.27 -17.24
PA ANP I . 6.48 -9.97 -18.91
O1A ANP I . 5.25 -10.76 -19.33
O2A ANP I . 7.43 -9.51 -19.97
O3A ANP I . 6.04 -8.74 -17.97
O5' ANP I . 7.28 -10.87 -17.87
C5' ANP I . 8.36 -10.39 -17.10
C4' ANP I . 8.27 -11.02 -15.72
O4' ANP I . 8.09 -12.44 -15.84
C3' ANP I . 9.54 -10.82 -14.92
O3' ANP I . 9.21 -10.52 -13.57
C2' ANP I . 10.23 -12.18 -14.98
O2' ANP I . 11.07 -12.44 -13.86
C1' ANP I . 9.05 -13.10 -15.04
N9 ANP I . 9.41 -14.41 -15.60
C8 ANP I . 10.05 -14.63 -16.76
N7 ANP I . 10.23 -15.97 -16.96
C5 ANP I . 9.70 -16.61 -15.89
C6 ANP I . 9.57 -18.01 -15.44
N6 ANP I . 10.02 -19.03 -16.18
N1 ANP I . 8.96 -18.23 -14.27
C2 ANP I . 8.48 -17.22 -13.50
N3 ANP I . 8.58 -15.92 -13.84
C4 ANP I . 9.17 -15.56 -15.00
S1 LAR J . 13.95 -8.12 -10.57
N1 LAR J . 12.15 -7.59 -12.27
O1 LAR J . 12.64 -9.45 -16.85
O2 LAR J . 14.50 -8.12 -16.50
O3 LAR J . 14.70 -5.56 -14.04
O4 LAR J . 14.86 -7.82 -13.51
O5 LAR J . 11.91 -9.50 -11.09
C1 LAR J . 13.85 -9.32 -16.99
C2 LAR J . 14.62 -10.42 -17.62
C3 LAR J . 15.97 -10.45 -17.77
C4 LAR J . 16.93 -9.37 -17.33
C5 LAR J . 17.08 -8.27 -18.39
C6 LAR J . 18.40 -7.56 -18.17
C7 LAR J . 18.43 -6.50 -17.41
C8 LAR J . 19.20 -5.69 -16.71
C9 LAR J . 19.08 -4.62 -15.91
C10 LAR J . 18.47 -4.83 -14.54
C11 LAR J . 17.21 -3.97 -14.34
C12 LAR J . 16.16 -4.24 -15.41
C13 LAR J . 15.45 -5.58 -15.24
C14 LAR J . 14.50 -5.74 -16.40
C15 LAR J . 13.66 -6.99 -16.29
C16 LAR J . 13.00 -7.04 -14.91
C17 LAR J . 13.94 -6.74 -13.75
C18 LAR J . 13.09 -6.50 -12.50
C19 LAR J . 13.88 -6.47 -11.21
C20 LAR J . 12.54 -8.47 -11.36
C21 LAR J . 16.57 -11.66 -18.42
C22 LAR J . 19.50 -4.49 -13.46
#